data_2JLT
# 
_entry.id   2JLT 
# 
_audit_conform.dict_name       mmcif_pdbx.dic 
_audit_conform.dict_version    5.391 
_audit_conform.dict_location   http://mmcif.pdb.org/dictionaries/ascii/mmcif_pdbx.dic 
# 
loop_
_database_2.database_id 
_database_2.database_code 
_database_2.pdbx_database_accession 
_database_2.pdbx_DOI 
PDB   2JLT         pdb_00002jlt 10.2210/pdb2jlt/pdb 
PDBE  EBI-37170    ?            ?                   
WWPDB D_1290037170 ?            ?                   
# 
loop_
_pdbx_audit_revision_history.ordinal 
_pdbx_audit_revision_history.data_content_type 
_pdbx_audit_revision_history.major_revision 
_pdbx_audit_revision_history.minor_revision 
_pdbx_audit_revision_history.revision_date 
1 'Structure model' 1 0 2009-08-18 
2 'Structure model' 1 1 2011-07-13 
3 'Structure model' 1 2 2017-04-19 
4 'Structure model' 1 3 2017-07-12 
5 'Structure model' 1 4 2024-05-08 
# 
_pdbx_audit_revision_details.ordinal             1 
_pdbx_audit_revision_details.revision_ordinal    1 
_pdbx_audit_revision_details.data_content_type   'Structure model' 
_pdbx_audit_revision_details.provider            repository 
_pdbx_audit_revision_details.type                'Initial release' 
_pdbx_audit_revision_details.description         ? 
_pdbx_audit_revision_details.details             ? 
# 
loop_
_pdbx_audit_revision_group.ordinal 
_pdbx_audit_revision_group.revision_ordinal 
_pdbx_audit_revision_group.data_content_type 
_pdbx_audit_revision_group.group 
1 2 'Structure model' Advisory                    
2 2 'Structure model' 'Version format compliance' 
3 3 'Structure model' 'Data collection'           
4 4 'Structure model' 'Refinement description'    
5 5 'Structure model' 'Data collection'           
6 5 'Structure model' 'Database references'       
7 5 'Structure model' 'Derived calculations'      
8 5 'Structure model' Other                       
# 
loop_
_pdbx_audit_revision_category.ordinal 
_pdbx_audit_revision_category.revision_ordinal 
_pdbx_audit_revision_category.data_content_type 
_pdbx_audit_revision_category.category 
1 4 'Structure model' software             
2 5 'Structure model' chem_comp_atom       
3 5 'Structure model' chem_comp_bond       
4 5 'Structure model' database_2           
5 5 'Structure model' pdbx_database_status 
6 5 'Structure model' struct_conn          
# 
loop_
_pdbx_audit_revision_item.ordinal 
_pdbx_audit_revision_item.revision_ordinal 
_pdbx_audit_revision_item.data_content_type 
_pdbx_audit_revision_item.item 
1 4 'Structure model' '_software.name'                       
2 5 'Structure model' '_database_2.pdbx_DOI'                 
3 5 'Structure model' '_database_2.pdbx_database_accession'  
4 5 'Structure model' '_pdbx_database_status.status_code_sf' 
5 5 'Structure model' '_struct_conn.pdbx_leaving_atom_flag'  
# 
_pdbx_database_status.status_code                     REL 
_pdbx_database_status.entry_id                        2JLT 
_pdbx_database_status.deposit_site                    PDBE 
_pdbx_database_status.process_site                    PDBE 
_pdbx_database_status.SG_entry                        . 
_pdbx_database_status.recvd_initial_deposition_date   2008-09-15 
_pdbx_database_status.pdb_format_compatible           Y 
_pdbx_database_status.status_code_sf                  REL 
_pdbx_database_status.status_code_mr                  ? 
_pdbx_database_status.status_code_cs                  ? 
_pdbx_database_status.methods_development_category    ? 
_pdbx_database_status.status_code_nmr_data            ? 
# 
loop_
_audit_author.name 
_audit_author.pdbx_ordinal 
_audit_author.identifier_ORCID 
'DiPrimo, C.'  1 ? 
'Fribourg, S.' 2 ? 
# 
_citation.id                        primary 
_citation.title                     
'Exploring Tar-RNA Aptamer Loop-Loop Interaction by X-Ray Crystallography, Uv Spectroscopy and Surface Plasmon Resonance.' 
_citation.journal_abbrev            'Nucleic Acids Res.' 
_citation.journal_volume            36 
_citation.page_first                7146 
_citation.page_last                 ? 
_citation.year                      2008 
_citation.journal_id_ASTM           NARHAD 
_citation.country                   UK 
_citation.journal_id_ISSN           0305-1048 
_citation.journal_id_CSD            0389 
_citation.book_publisher            ? 
_citation.pdbx_database_id_PubMed   18996893 
_citation.pdbx_database_id_DOI      10.1093/NAR/GKN831 
# 
loop_
_citation_author.citation_id 
_citation_author.name 
_citation_author.ordinal 
_citation_author.identifier_ORCID 
primary 'Lebars, I.'   1 ? 
primary 'Legrand, P.'  2 ? 
primary 'Aime, A.'     3 ? 
primary 'Pinaud, N.'   4 ? 
primary 'Fribourg, S.' 5 ? 
primary 'Di Primo, C.' 6 ? 
# 
loop_
_entity.id 
_entity.type 
_entity.src_method 
_entity.pdbx_description 
_entity.formula_weight 
_entity.pdbx_number_of_molecules 
_entity.pdbx_ec 
_entity.pdbx_mutation 
_entity.pdbx_fragment 
_entity.details 
1 polymer syn R06 5841.395 1 ? ? ? ? 
2 polymer syn TAR 5247.030 1 ? ? ? ? 
# 
loop_
_entity_name_com.entity_id 
_entity_name_com.name 
1 
;5'-R(*GP*GP*5BUP*CP*GP*GP*UP*CP*CP*CP*AP *GP*AP*CP*GP*AP*CP*C)-3'
;
2 
;5'-R(*GP*GP*AP*GP*CP*CP*UP*GP*GP*GP *AP*GP*CP*5BUP*CP*C)-3'
;
# 
loop_
_entity_poly.entity_id 
_entity_poly.type 
_entity_poly.nstd_linkage 
_entity_poly.nstd_monomer 
_entity_poly.pdbx_seq_one_letter_code 
_entity_poly.pdbx_seq_one_letter_code_can 
_entity_poly.pdbx_strand_id 
_entity_poly.pdbx_target_identifier 
1 polyribonucleotide no yes 'GG(5BU)CGGUCCCAGACGACC' GGUCGGUCCCAGACGACC A ? 
2 polyribonucleotide no yes 'GGAGCCUGGGAGC(5BU)CC'   GGAGCCUGGGAGCUCC   B ? 
# 
loop_
_entity_poly_seq.entity_id 
_entity_poly_seq.num 
_entity_poly_seq.mon_id 
_entity_poly_seq.hetero 
1 1  G   n 
1 2  G   n 
1 3  5BU n 
1 4  C   n 
1 5  G   n 
1 6  G   n 
1 7  U   n 
1 8  C   n 
1 9  C   n 
1 10 C   n 
1 11 A   n 
1 12 G   n 
1 13 A   n 
1 14 C   n 
1 15 G   n 
1 16 A   n 
1 17 C   n 
1 18 C   n 
2 1  G   n 
2 2  G   n 
2 3  A   n 
2 4  G   n 
2 5  C   n 
2 6  C   n 
2 7  U   n 
2 8  G   n 
2 9  G   n 
2 10 G   n 
2 11 A   n 
2 12 G   n 
2 13 C   n 
2 14 5BU n 
2 15 C   n 
2 16 C   n 
# 
loop_
_pdbx_entity_src_syn.entity_id 
_pdbx_entity_src_syn.pdbx_src_id 
_pdbx_entity_src_syn.pdbx_alt_source_flag 
_pdbx_entity_src_syn.pdbx_beg_seq_num 
_pdbx_entity_src_syn.pdbx_end_seq_num 
_pdbx_entity_src_syn.organism_scientific 
_pdbx_entity_src_syn.organism_common_name 
_pdbx_entity_src_syn.ncbi_taxonomy_id 
_pdbx_entity_src_syn.details 
1 1 sample ? ? 'ESCHERICHIA COLI' ? 562 ? 
2 1 sample ? ? 'ESCHERICHIA COLI' ? 562 ? 
# 
loop_
_chem_comp.id 
_chem_comp.type 
_chem_comp.mon_nstd_flag 
_chem_comp.name 
_chem_comp.pdbx_synonyms 
_chem_comp.formula 
_chem_comp.formula_weight 
5BU 'RNA linking' n "5-BROMO-URIDINE-5'-MONOPHOSPHATE" ? 'C9 H12 Br N2 O9 P' 403.077 
A   'RNA linking' y "ADENOSINE-5'-MONOPHOSPHATE"       ? 'C10 H14 N5 O7 P'   347.221 
C   'RNA linking' y "CYTIDINE-5'-MONOPHOSPHATE"        ? 'C9 H14 N3 O8 P'    323.197 
G   'RNA linking' y "GUANOSINE-5'-MONOPHOSPHATE"       ? 'C10 H14 N5 O8 P'   363.221 
U   'RNA linking' y "URIDINE-5'-MONOPHOSPHATE"         ? 'C9 H13 N2 O9 P'    324.181 
# 
loop_
_pdbx_poly_seq_scheme.asym_id 
_pdbx_poly_seq_scheme.entity_id 
_pdbx_poly_seq_scheme.seq_id 
_pdbx_poly_seq_scheme.mon_id 
_pdbx_poly_seq_scheme.ndb_seq_num 
_pdbx_poly_seq_scheme.pdb_seq_num 
_pdbx_poly_seq_scheme.auth_seq_num 
_pdbx_poly_seq_scheme.pdb_mon_id 
_pdbx_poly_seq_scheme.auth_mon_id 
_pdbx_poly_seq_scheme.pdb_strand_id 
_pdbx_poly_seq_scheme.pdb_ins_code 
_pdbx_poly_seq_scheme.hetero 
A 1 1  G   1  1  1  G   G   A . n 
A 1 2  G   2  2  2  G   G   A . n 
A 1 3  5BU 3  3  3  5BU 5BU A . n 
A 1 4  C   4  4  4  C   C   A . n 
A 1 5  G   5  5  5  G   G   A . n 
A 1 6  G   6  6  6  G   G   A . n 
A 1 7  U   7  7  7  U   U   A . n 
A 1 8  C   8  8  8  C   C   A . n 
A 1 9  C   9  9  9  C   C   A . n 
A 1 10 C   10 10 10 C   C   A . n 
A 1 11 A   11 11 11 A   A   A . n 
A 1 12 G   12 12 12 G   G   A . n 
A 1 13 A   13 13 13 A   A   A . n 
A 1 14 C   14 14 14 C   C   A . n 
A 1 15 G   15 15 15 G   G   A . n 
A 1 16 A   16 16 16 A   A   A . n 
A 1 17 C   17 17 17 C   C   A . n 
A 1 18 C   18 18 18 C   C   A . n 
B 2 1  G   1  1  1  G   G   B . n 
B 2 2  G   2  2  2  G   G   B . n 
B 2 3  A   3  3  3  A   A   B . n 
B 2 4  G   4  4  4  G   G   B . n 
B 2 5  C   5  5  5  C   C   B . n 
B 2 6  C   6  6  6  C   C   B . n 
B 2 7  U   7  7  7  U   U   B . n 
B 2 8  G   8  8  8  G   G   B . n 
B 2 9  G   9  9  9  G   G   B . n 
B 2 10 G   10 10 10 G   G   B . n 
B 2 11 A   11 11 11 A   A   B . n 
B 2 12 G   12 12 12 G   G   B . n 
B 2 13 C   13 13 13 C   C   B . n 
B 2 14 5BU 14 14 14 5BU 5BU B . n 
B 2 15 C   15 15 15 C   C   B . n 
B 2 16 C   16 16 16 C   C   B . n 
# 
loop_
_software.name 
_software.classification 
_software.version 
_software.citation_id 
_software.pdbx_ordinal 
_software.date 
_software.type 
_software.location 
_software.language 
REFMAC    refinement       5.5.0054 ? 1 ? ? ? ? 
XDS       'data reduction' .        ? 2 ? ? ? ? 
SCALA     'data scaling'   .        ? 3 ? ? ? ? 
autoSHARP phasing          .        ? 4 ? ? ? ? 
# 
_cell.entry_id           2JLT 
_cell.length_a           85.000 
_cell.length_b           85.000 
_cell.length_c           85.000 
_cell.angle_alpha        90.00 
_cell.angle_beta         90.00 
_cell.angle_gamma        90.00 
_cell.Z_PDB              12 
_cell.pdbx_unique_axis   ? 
# 
_symmetry.entry_id                         2JLT 
_symmetry.space_group_name_H-M             'P 21 3' 
_symmetry.pdbx_full_space_group_name_H-M   ? 
_symmetry.cell_setting                     ? 
_symmetry.Int_Tables_number                198 
# 
_exptl.entry_id          2JLT 
_exptl.method            'X-RAY DIFFRACTION' 
_exptl.crystals_number   1 
# 
_exptl_crystal.id                    1 
_exptl_crystal.density_meas          ? 
_exptl_crystal.density_Matthews      2.28 
_exptl_crystal.density_percent_sol   46 
_exptl_crystal.description           NONE 
_exptl_crystal.preparation           ? 
# 
_exptl_crystal_grow.crystal_id      1 
_exptl_crystal_grow.method          ? 
_exptl_crystal_grow.temp            ? 
_exptl_crystal_grow.temp_details    ? 
_exptl_crystal_grow.pH              4.6 
_exptl_crystal_grow.pdbx_pH_range   ? 
_exptl_crystal_grow.pdbx_details    'NA CITRATE 100MM, MPD 35%, pH 4.6' 
# 
_diffrn.id                     1 
_diffrn.ambient_temp           100 
_diffrn.ambient_temp_details   ? 
_diffrn.crystal_id             1 
# 
_diffrn_detector.diffrn_id              1 
_diffrn_detector.detector               CCD 
_diffrn_detector.type                   MARRESEARCH 
_diffrn_detector.pdbx_collection_date   2007-03-03 
_diffrn_detector.details                ? 
# 
_diffrn_radiation.diffrn_id                        1 
_diffrn_radiation.wavelength_id                    1 
_diffrn_radiation.pdbx_monochromatic_or_laue_m_l   M 
_diffrn_radiation.monochromator                    ? 
_diffrn_radiation.pdbx_diffrn_protocol             'SINGLE WAVELENGTH' 
_diffrn_radiation.pdbx_scattering_type             x-ray 
# 
_diffrn_radiation_wavelength.id           1 
_diffrn_radiation_wavelength.wavelength   0.91 
_diffrn_radiation_wavelength.wt           1.0 
# 
_diffrn_source.diffrn_id                   1 
_diffrn_source.source                      SYNCHROTRON 
_diffrn_source.type                        'ESRF BEAMLINE BM14' 
_diffrn_source.pdbx_synchrotron_site       ESRF 
_diffrn_source.pdbx_synchrotron_beamline   BM14 
_diffrn_source.pdbx_wavelength             0.91 
_diffrn_source.pdbx_wavelength_list        ? 
# 
_reflns.pdbx_diffrn_id               1 
_reflns.pdbx_ordinal                 1 
_reflns.entry_id                     2JLT 
_reflns.observed_criterion_sigma_I   2.0 
_reflns.observed_criterion_sigma_F   ? 
_reflns.d_resolution_low             20.00 
_reflns.d_resolution_high            2.90 
_reflns.number_obs                   10330 
_reflns.number_all                   ? 
_reflns.percent_possible_obs         98.9 
_reflns.pdbx_Rmerge_I_obs            0.08 
_reflns.pdbx_Rsym_value              ? 
_reflns.pdbx_netI_over_sigmaI        18.66 
_reflns.B_iso_Wilson_estimate        ? 
_reflns.pdbx_redundancy              6.43 
# 
_reflns_shell.pdbx_diffrn_id         1 
_reflns_shell.pdbx_ordinal           1 
_reflns_shell.d_res_high             2.90 
_reflns_shell.d_res_low              3.07 
_reflns_shell.percent_possible_all   96.6 
_reflns_shell.Rmerge_I_obs           0.38 
_reflns_shell.pdbx_Rsym_value        ? 
_reflns_shell.meanI_over_sigI_obs    5.45 
_reflns_shell.pdbx_redundancy        6.09 
# 
_refine.pdbx_refine_id                           'X-RAY DIFFRACTION' 
_refine.entry_id                                 2JLT 
_refine.pdbx_diffrn_id                           1 
_refine.pdbx_TLS_residual_ADP_flag               'LIKELY RESIDUAL' 
_refine.ls_number_reflns_obs                     4510 
_refine.ls_number_reflns_all                     ? 
_refine.pdbx_ls_sigma_I                          ? 
_refine.pdbx_ls_sigma_F                          ? 
_refine.pdbx_data_cutoff_high_absF               ? 
_refine.pdbx_data_cutoff_low_absF                ? 
_refine.pdbx_data_cutoff_high_rms_absF           ? 
_refine.ls_d_res_low                             60.08 
_refine.ls_d_res_high                            2.90 
_refine.ls_percent_reflns_obs                    99.6 
_refine.ls_R_factor_obs                          0.189 
_refine.ls_R_factor_all                          ? 
_refine.ls_R_factor_R_work                       0.187 
_refine.ls_R_factor_R_free                       0.227 
_refine.ls_R_factor_R_free_error                 ? 
_refine.ls_R_factor_R_free_error_details         ? 
_refine.ls_percent_reflns_R_free                 4.600 
_refine.ls_number_reflns_R_free                  216 
_refine.ls_number_parameters                     ? 
_refine.ls_number_restraints                     ? 
_refine.occupancy_min                            ? 
_refine.occupancy_max                            ? 
_refine.correlation_coeff_Fo_to_Fc               0.952 
_refine.correlation_coeff_Fo_to_Fc_free          0.921 
_refine.B_iso_mean                               26.54 
_refine.aniso_B[1][1]                            ? 
_refine.aniso_B[2][2]                            ? 
_refine.aniso_B[3][3]                            ? 
_refine.aniso_B[1][2]                            ? 
_refine.aniso_B[1][3]                            ? 
_refine.aniso_B[2][3]                            ? 
_refine.solvent_model_details                    MASK 
_refine.solvent_model_param_ksol                 ? 
_refine.solvent_model_param_bsol                 ? 
_refine.pdbx_solvent_vdw_probe_radii             1.40 
_refine.pdbx_solvent_ion_probe_radii             0.80 
_refine.pdbx_solvent_shrinkage_radii             0.80 
_refine.pdbx_ls_cross_valid_method               THROUGHOUT 
_refine.details                                  'HYDROGENS HAVE BEEN ADDED IN THE RIDING POSITIONS. U VALUES ARE RESIDUAL ONLY' 
_refine.pdbx_starting_model                      NONE 
_refine.pdbx_method_to_determine_struct          SAD 
_refine.pdbx_isotropic_thermal_model             ? 
_refine.pdbx_stereochemistry_target_values       'MAXIMUM LIKELIHOOD' 
_refine.pdbx_stereochem_target_val_spec_case     ? 
_refine.pdbx_R_Free_selection_details            RANDOM 
_refine.pdbx_overall_ESU_R                       0.370 
_refine.pdbx_overall_ESU_R_Free                  0.269 
_refine.overall_SU_ML                            0.205 
_refine.pdbx_overall_phase_error                 ? 
_refine.overall_SU_B                             25.930 
_refine.overall_SU_R_Cruickshank_DPI             ? 
_refine.pdbx_overall_SU_R_free_Cruickshank_DPI   ? 
_refine.pdbx_overall_SU_R_Blow_DPI               ? 
_refine.pdbx_overall_SU_R_free_Blow_DPI          ? 
# 
_refine_hist.pdbx_refine_id                   'X-RAY DIFFRACTION' 
_refine_hist.cycle_id                         LAST 
_refine_hist.pdbx_number_atoms_protein        0 
_refine_hist.pdbx_number_atoms_nucleic_acid   725 
_refine_hist.pdbx_number_atoms_ligand         0 
_refine_hist.number_atoms_solvent             0 
_refine_hist.number_atoms_total               725 
_refine_hist.d_res_high                       2.90 
_refine_hist.d_res_low                        60.08 
# 
loop_
_refine_ls_restr.type 
_refine_ls_restr.dev_ideal 
_refine_ls_restr.dev_ideal_target 
_refine_ls_restr.weight 
_refine_ls_restr.number 
_refine_ls_restr.pdbx_refine_id 
_refine_ls_restr.pdbx_restraint_function 
r_bond_refined_d             0.009 0.021 ? 809  'X-RAY DIFFRACTION' ? 
r_bond_other_d               ?     ?     ? ?    'X-RAY DIFFRACTION' ? 
r_angle_refined_deg          1.468 3.000 ? 1260 'X-RAY DIFFRACTION' ? 
r_angle_other_deg            ?     ?     ? ?    'X-RAY DIFFRACTION' ? 
r_dihedral_angle_1_deg       ?     ?     ? ?    'X-RAY DIFFRACTION' ? 
r_dihedral_angle_2_deg       ?     ?     ? ?    'X-RAY DIFFRACTION' ? 
r_dihedral_angle_3_deg       ?     ?     ? ?    'X-RAY DIFFRACTION' ? 
r_dihedral_angle_4_deg       ?     ?     ? ?    'X-RAY DIFFRACTION' ? 
r_chiral_restr               0.048 0.200 ? 168  'X-RAY DIFFRACTION' ? 
r_gen_planes_refined         0.004 0.020 ? 357  'X-RAY DIFFRACTION' ? 
r_gen_planes_other           ?     ?     ? ?    'X-RAY DIFFRACTION' ? 
r_nbd_refined                ?     ?     ? ?    'X-RAY DIFFRACTION' ? 
r_nbd_other                  ?     ?     ? ?    'X-RAY DIFFRACTION' ? 
r_nbtor_refined              ?     ?     ? ?    'X-RAY DIFFRACTION' ? 
r_nbtor_other                ?     ?     ? ?    'X-RAY DIFFRACTION' ? 
r_xyhbond_nbd_refined        ?     ?     ? ?    'X-RAY DIFFRACTION' ? 
r_xyhbond_nbd_other          ?     ?     ? ?    'X-RAY DIFFRACTION' ? 
r_metal_ion_refined          ?     ?     ? ?    'X-RAY DIFFRACTION' ? 
r_metal_ion_other            ?     ?     ? ?    'X-RAY DIFFRACTION' ? 
r_symmetry_vdw_refined       ?     ?     ? ?    'X-RAY DIFFRACTION' ? 
r_symmetry_vdw_other         ?     ?     ? ?    'X-RAY DIFFRACTION' ? 
r_symmetry_hbond_refined     ?     ?     ? ?    'X-RAY DIFFRACTION' ? 
r_symmetry_hbond_other       ?     ?     ? ?    'X-RAY DIFFRACTION' ? 
r_symmetry_metal_ion_refined ?     ?     ? ?    'X-RAY DIFFRACTION' ? 
r_symmetry_metal_ion_other   ?     ?     ? ?    'X-RAY DIFFRACTION' ? 
r_mcbond_it                  ?     ?     ? ?    'X-RAY DIFFRACTION' ? 
r_mcbond_other               ?     ?     ? ?    'X-RAY DIFFRACTION' ? 
r_mcangle_it                 ?     ?     ? ?    'X-RAY DIFFRACTION' ? 
r_mcangle_other              ?     ?     ? ?    'X-RAY DIFFRACTION' ? 
r_scbond_it                  0.751 3.000 ? 809  'X-RAY DIFFRACTION' ? 
r_scbond_other               ?     ?     ? ?    'X-RAY DIFFRACTION' ? 
r_scangle_it                 1.168 4.500 ? 1260 'X-RAY DIFFRACTION' ? 
r_scangle_other              ?     ?     ? ?    'X-RAY DIFFRACTION' ? 
r_long_range_B_refined       ?     ?     ? ?    'X-RAY DIFFRACTION' ? 
r_long_range_B_other         ?     ?     ? ?    'X-RAY DIFFRACTION' ? 
r_rigid_bond_restr           ?     ?     ? ?    'X-RAY DIFFRACTION' ? 
r_sphericity_free            ?     ?     ? ?    'X-RAY DIFFRACTION' ? 
r_sphericity_bonded          ?     ?     ? ?    'X-RAY DIFFRACTION' ? 
# 
_refine_ls_shell.pdbx_refine_id                   'X-RAY DIFFRACTION' 
_refine_ls_shell.pdbx_total_number_of_bins_used   20 
_refine_ls_shell.d_res_high                       2.90 
_refine_ls_shell.d_res_low                        2.98 
_refine_ls_shell.number_reflns_R_work             344 
_refine_ls_shell.R_factor_R_work                  0.3330 
_refine_ls_shell.percent_reflns_obs               ? 
_refine_ls_shell.R_factor_R_free                  0.2940 
_refine_ls_shell.R_factor_R_free_error            ? 
_refine_ls_shell.percent_reflns_R_free            ? 
_refine_ls_shell.number_reflns_R_free             6 
_refine_ls_shell.number_reflns_all                ? 
_refine_ls_shell.R_factor_all                     ? 
# 
_struct.entry_id                  2JLT 
_struct.title                     'Crystal structure of an RNA kissing complex' 
_struct.pdbx_model_details        ? 
_struct.pdbx_CASP_flag            ? 
_struct.pdbx_model_type_details   ? 
# 
_struct_keywords.entry_id        2JLT 
_struct_keywords.pdbx_keywords   RNA 
_struct_keywords.text            'RNA, KISSING COMPLEX' 
# 
loop_
_struct_asym.id 
_struct_asym.pdbx_blank_PDB_chainid_flag 
_struct_asym.pdbx_modified 
_struct_asym.entity_id 
_struct_asym.details 
A N N 1 ? 
B N N 2 ? 
# 
loop_
_struct_ref.id 
_struct_ref.db_name 
_struct_ref.db_code 
_struct_ref.entity_id 
_struct_ref.pdbx_seq_one_letter_code 
_struct_ref.pdbx_align_begin 
_struct_ref.pdbx_db_accession 
_struct_ref.pdbx_db_isoform 
1 PDB 2JLT 1 ? ? 2JLT ? 
2 PDB 2JLT 2 ? ? 2JLT ? 
# 
loop_
_struct_ref_seq.align_id 
_struct_ref_seq.ref_id 
_struct_ref_seq.pdbx_PDB_id_code 
_struct_ref_seq.pdbx_strand_id 
_struct_ref_seq.seq_align_beg 
_struct_ref_seq.pdbx_seq_align_beg_ins_code 
_struct_ref_seq.seq_align_end 
_struct_ref_seq.pdbx_seq_align_end_ins_code 
_struct_ref_seq.pdbx_db_accession 
_struct_ref_seq.db_align_beg 
_struct_ref_seq.pdbx_db_align_beg_ins_code 
_struct_ref_seq.db_align_end 
_struct_ref_seq.pdbx_db_align_end_ins_code 
_struct_ref_seq.pdbx_auth_seq_align_beg 
_struct_ref_seq.pdbx_auth_seq_align_end 
1 1 2JLT A 1 ? 18 ? 2JLT 1 ? 18 ? 1 18 
2 2 2JLT B 1 ? 16 ? 2JLT 1 ? 16 ? 1 16 
# 
_pdbx_struct_assembly.id                   1 
_pdbx_struct_assembly.details              software_defined_assembly 
_pdbx_struct_assembly.method_details       PQS 
_pdbx_struct_assembly.oligomeric_details   dimeric 
_pdbx_struct_assembly.oligomeric_count     2 
# 
loop_
_pdbx_struct_assembly_prop.biol_id 
_pdbx_struct_assembly_prop.type 
_pdbx_struct_assembly_prop.value 
_pdbx_struct_assembly_prop.details 
1 'ABSA (A^2)' 1020 ? 
1 MORE         4.0  ? 
1 'SSA (A^2)'  7240 ? 
# 
_pdbx_struct_assembly_gen.assembly_id       1 
_pdbx_struct_assembly_gen.oper_expression   1 
_pdbx_struct_assembly_gen.asym_id_list      A,B 
# 
_pdbx_struct_oper_list.id                   1 
_pdbx_struct_oper_list.type                 'identity operation' 
_pdbx_struct_oper_list.name                 1_555 
_pdbx_struct_oper_list.symmetry_operation   x,y,z 
_pdbx_struct_oper_list.matrix[1][1]         1.0000000000 
_pdbx_struct_oper_list.matrix[1][2]         0.0000000000 
_pdbx_struct_oper_list.matrix[1][3]         0.0000000000 
_pdbx_struct_oper_list.vector[1]            0.0000000000 
_pdbx_struct_oper_list.matrix[2][1]         0.0000000000 
_pdbx_struct_oper_list.matrix[2][2]         1.0000000000 
_pdbx_struct_oper_list.matrix[2][3]         0.0000000000 
_pdbx_struct_oper_list.vector[2]            0.0000000000 
_pdbx_struct_oper_list.matrix[3][1]         0.0000000000 
_pdbx_struct_oper_list.matrix[3][2]         0.0000000000 
_pdbx_struct_oper_list.matrix[3][3]         1.0000000000 
_pdbx_struct_oper_list.vector[3]            0.0000000000 
# 
loop_
_struct_conn.id 
_struct_conn.conn_type_id 
_struct_conn.pdbx_leaving_atom_flag 
_struct_conn.pdbx_PDB_id 
_struct_conn.ptnr1_label_asym_id 
_struct_conn.ptnr1_label_comp_id 
_struct_conn.ptnr1_label_seq_id 
_struct_conn.ptnr1_label_atom_id 
_struct_conn.pdbx_ptnr1_label_alt_id 
_struct_conn.pdbx_ptnr1_PDB_ins_code 
_struct_conn.pdbx_ptnr1_standard_comp_id 
_struct_conn.ptnr1_symmetry 
_struct_conn.ptnr2_label_asym_id 
_struct_conn.ptnr2_label_comp_id 
_struct_conn.ptnr2_label_seq_id 
_struct_conn.ptnr2_label_atom_id 
_struct_conn.pdbx_ptnr2_label_alt_id 
_struct_conn.pdbx_ptnr2_PDB_ins_code 
_struct_conn.ptnr1_auth_asym_id 
_struct_conn.ptnr1_auth_comp_id 
_struct_conn.ptnr1_auth_seq_id 
_struct_conn.ptnr2_auth_asym_id 
_struct_conn.ptnr2_auth_comp_id 
_struct_conn.ptnr2_auth_seq_id 
_struct_conn.ptnr2_symmetry 
_struct_conn.pdbx_ptnr3_label_atom_id 
_struct_conn.pdbx_ptnr3_label_seq_id 
_struct_conn.pdbx_ptnr3_label_comp_id 
_struct_conn.pdbx_ptnr3_label_asym_id 
_struct_conn.pdbx_ptnr3_label_alt_id 
_struct_conn.pdbx_ptnr3_PDB_ins_code 
_struct_conn.details 
_struct_conn.pdbx_dist_value 
_struct_conn.pdbx_value_order 
_struct_conn.pdbx_role 
covale1  covale both ? A G   2  "O3'" ? ? ? 1_555 A 5BU 3  P  ? ? A G   2  A 5BU 3  1_555 ? ? ? ? ? ? ?            1.598 ? ? 
covale2  covale both ? A 5BU 3  "O3'" ? ? ? 1_555 A C   4  P  ? ? A 5BU 3  A C   4  1_555 ? ? ? ? ? ? ?            1.587 ? ? 
covale3  covale both ? B C   13 "O3'" ? ? ? 1_555 B 5BU 14 P  ? ? B C   13 B 5BU 14 1_555 ? ? ? ? ? ? ?            1.591 ? ? 
covale4  covale both ? B 5BU 14 "O3'" ? ? ? 1_555 B C   15 P  ? ? B 5BU 14 B C   15 1_555 ? ? ? ? ? ? ?            1.603 ? ? 
hydrog1  hydrog ?    ? A G   1  N1    ? ? ? 1_555 A C   18 N3 ? ? A G   1  A C   18 1_555 ? ? ? ? ? ? WATSON-CRICK ?     ? ? 
hydrog2  hydrog ?    ? A G   1  N2    ? ? ? 1_555 A C   18 O2 ? ? A G   1  A C   18 1_555 ? ? ? ? ? ? WATSON-CRICK ?     ? ? 
hydrog3  hydrog ?    ? A G   1  O6    ? ? ? 1_555 A C   18 N4 ? ? A G   1  A C   18 1_555 ? ? ? ? ? ? WATSON-CRICK ?     ? ? 
hydrog4  hydrog ?    ? A G   2  N1    ? ? ? 1_555 A C   17 N3 ? ? A G   2  A C   17 1_555 ? ? ? ? ? ? WATSON-CRICK ?     ? ? 
hydrog5  hydrog ?    ? A G   2  N2    ? ? ? 1_555 A C   17 O2 ? ? A G   2  A C   17 1_555 ? ? ? ? ? ? WATSON-CRICK ?     ? ? 
hydrog6  hydrog ?    ? A G   2  O6    ? ? ? 1_555 A C   17 N4 ? ? A G   2  A C   17 1_555 ? ? ? ? ? ? WATSON-CRICK ?     ? ? 
hydrog7  hydrog ?    ? A 5BU 3  N3    ? ? ? 1_555 A A   16 N1 ? ? A 5BU 3  A A   16 1_555 ? ? ? ? ? ? WATSON-CRICK ?     ? ? 
hydrog8  hydrog ?    ? A 5BU 3  O4    ? ? ? 1_555 A A   16 N6 ? ? A 5BU 3  A A   16 1_555 ? ? ? ? ? ? WATSON-CRICK ?     ? ? 
hydrog9  hydrog ?    ? A C   4  N3    ? ? ? 1_555 A G   15 N1 ? ? A C   4  A G   15 1_555 ? ? ? ? ? ? WATSON-CRICK ?     ? ? 
hydrog10 hydrog ?    ? A C   4  N4    ? ? ? 1_555 A G   15 O6 ? ? A C   4  A G   15 1_555 ? ? ? ? ? ? WATSON-CRICK ?     ? ? 
hydrog11 hydrog ?    ? A C   4  O2    ? ? ? 1_555 A G   15 N2 ? ? A C   4  A G   15 1_555 ? ? ? ? ? ? WATSON-CRICK ?     ? ? 
hydrog12 hydrog ?    ? A G   5  N1    ? ? ? 1_555 A C   14 N3 ? ? A G   5  A C   14 1_555 ? ? ? ? ? ? WATSON-CRICK ?     ? ? 
hydrog13 hydrog ?    ? A G   5  N2    ? ? ? 1_555 A C   14 O2 ? ? A G   5  A C   14 1_555 ? ? ? ? ? ? WATSON-CRICK ?     ? ? 
hydrog14 hydrog ?    ? A G   5  O6    ? ? ? 1_555 A C   14 N4 ? ? A G   5  A C   14 1_555 ? ? ? ? ? ? WATSON-CRICK ?     ? ? 
hydrog15 hydrog ?    ? A G   6  N1    ? ? ? 1_555 A A   13 N1 ? ? A G   6  A A   13 1_555 ? ? ? ? ? ? TYPE_8_PAIR  ?     ? ? 
hydrog16 hydrog ?    ? A G   6  O6    ? ? ? 1_555 A A   13 N6 ? ? A G   6  A A   13 1_555 ? ? ? ? ? ? TYPE_8_PAIR  ?     ? ? 
hydrog17 hydrog ?    ? A U   7  N3    ? ? ? 1_555 B A   11 N1 ? ? A U   7  B A   11 1_555 ? ? ? ? ? ? WATSON-CRICK ?     ? ? 
hydrog18 hydrog ?    ? A U   7  O4    ? ? ? 1_555 B A   11 N6 ? ? A U   7  B A   11 1_555 ? ? ? ? ? ? WATSON-CRICK ?     ? ? 
hydrog19 hydrog ?    ? A C   8  N3    ? ? ? 1_555 B G   10 N1 ? ? A C   8  B G   10 1_555 ? ? ? ? ? ? WATSON-CRICK ?     ? ? 
hydrog20 hydrog ?    ? A C   8  N4    ? ? ? 1_555 B G   10 O6 ? ? A C   8  B G   10 1_555 ? ? ? ? ? ? WATSON-CRICK ?     ? ? 
hydrog21 hydrog ?    ? A C   8  O2    ? ? ? 1_555 B G   10 N2 ? ? A C   8  B G   10 1_555 ? ? ? ? ? ? WATSON-CRICK ?     ? ? 
hydrog22 hydrog ?    ? A C   9  N3    ? ? ? 1_555 B G   9  N1 ? ? A C   9  B G   9  1_555 ? ? ? ? ? ? WATSON-CRICK ?     ? ? 
hydrog23 hydrog ?    ? A C   9  N4    ? ? ? 1_555 B G   9  O6 ? ? A C   9  B G   9  1_555 ? ? ? ? ? ? WATSON-CRICK ?     ? ? 
hydrog24 hydrog ?    ? A C   9  O2    ? ? ? 1_555 B G   9  N2 ? ? A C   9  B G   9  1_555 ? ? ? ? ? ? WATSON-CRICK ?     ? ? 
hydrog25 hydrog ?    ? A C   10 N3    ? ? ? 1_555 B G   8  N1 ? ? A C   10 B G   8  1_555 ? ? ? ? ? ? WATSON-CRICK ?     ? ? 
hydrog26 hydrog ?    ? A C   10 N4    ? ? ? 1_555 B G   8  O6 ? ? A C   10 B G   8  1_555 ? ? ? ? ? ? WATSON-CRICK ?     ? ? 
hydrog27 hydrog ?    ? A C   10 O2    ? ? ? 1_555 B G   8  N2 ? ? A C   10 B G   8  1_555 ? ? ? ? ? ? WATSON-CRICK ?     ? ? 
hydrog28 hydrog ?    ? A A   11 N1    ? ? ? 1_555 B U   7  N3 ? ? A A   11 B U   7  1_555 ? ? ? ? ? ? WATSON-CRICK ?     ? ? 
hydrog29 hydrog ?    ? A A   11 N6    ? ? ? 1_555 B U   7  O4 ? ? A A   11 B U   7  1_555 ? ? ? ? ? ? WATSON-CRICK ?     ? ? 
hydrog30 hydrog ?    ? A G   12 N1    ? ? ? 1_555 B C   6  N3 ? ? A G   12 B C   6  1_555 ? ? ? ? ? ? WATSON-CRICK ?     ? ? 
hydrog31 hydrog ?    ? A G   12 N2    ? ? ? 1_555 B C   6  O2 ? ? A G   12 B C   6  1_555 ? ? ? ? ? ? WATSON-CRICK ?     ? ? 
hydrog32 hydrog ?    ? A G   12 O6    ? ? ? 1_555 B C   6  N4 ? ? A G   12 B C   6  1_555 ? ? ? ? ? ? WATSON-CRICK ?     ? ? 
hydrog33 hydrog ?    ? B G   1  N1    ? ? ? 1_555 B C   16 N3 ? ? B G   1  B C   16 1_555 ? ? ? ? ? ? WATSON-CRICK ?     ? ? 
hydrog34 hydrog ?    ? B G   1  N2    ? ? ? 1_555 B C   16 O2 ? ? B G   1  B C   16 1_555 ? ? ? ? ? ? WATSON-CRICK ?     ? ? 
hydrog35 hydrog ?    ? B G   1  O6    ? ? ? 1_555 B C   16 N4 ? ? B G   1  B C   16 1_555 ? ? ? ? ? ? WATSON-CRICK ?     ? ? 
hydrog36 hydrog ?    ? B G   2  N1    ? ? ? 1_555 B C   15 N3 ? ? B G   2  B C   15 1_555 ? ? ? ? ? ? WATSON-CRICK ?     ? ? 
hydrog37 hydrog ?    ? B G   2  N2    ? ? ? 1_555 B C   15 O2 ? ? B G   2  B C   15 1_555 ? ? ? ? ? ? WATSON-CRICK ?     ? ? 
hydrog38 hydrog ?    ? B G   2  O6    ? ? ? 1_555 B C   15 N4 ? ? B G   2  B C   15 1_555 ? ? ? ? ? ? WATSON-CRICK ?     ? ? 
hydrog39 hydrog ?    ? B A   3  N1    ? ? ? 1_555 B 5BU 14 N3 ? ? B A   3  B 5BU 14 1_555 ? ? ? ? ? ? WATSON-CRICK ?     ? ? 
hydrog40 hydrog ?    ? B A   3  N6    ? ? ? 1_555 B 5BU 14 O4 ? ? B A   3  B 5BU 14 1_555 ? ? ? ? ? ? WATSON-CRICK ?     ? ? 
hydrog41 hydrog ?    ? B G   4  N1    ? ? ? 1_555 B C   13 N3 ? ? B G   4  B C   13 1_555 ? ? ? ? ? ? WATSON-CRICK ?     ? ? 
hydrog42 hydrog ?    ? B G   4  N2    ? ? ? 1_555 B C   13 O2 ? ? B G   4  B C   13 1_555 ? ? ? ? ? ? WATSON-CRICK ?     ? ? 
hydrog43 hydrog ?    ? B G   4  O6    ? ? ? 1_555 B C   13 N4 ? ? B G   4  B C   13 1_555 ? ? ? ? ? ? WATSON-CRICK ?     ? ? 
hydrog44 hydrog ?    ? B C   5  N3    ? ? ? 1_555 B G   12 N1 ? ? B C   5  B G   12 1_555 ? ? ? ? ? ? WATSON-CRICK ?     ? ? 
hydrog45 hydrog ?    ? B C   5  N4    ? ? ? 1_555 B G   12 O6 ? ? B C   5  B G   12 1_555 ? ? ? ? ? ? WATSON-CRICK ?     ? ? 
hydrog46 hydrog ?    ? B C   5  O2    ? ? ? 1_555 B G   12 N2 ? ? B C   5  B G   12 1_555 ? ? ? ? ? ? WATSON-CRICK ?     ? ? 
# 
loop_
_struct_conn_type.id 
_struct_conn_type.criteria 
_struct_conn_type.reference 
covale ? ? 
hydrog ? ? 
# 
_pdbx_validate_rmsd_angle.id                         1 
_pdbx_validate_rmsd_angle.PDB_model_num              1 
_pdbx_validate_rmsd_angle.auth_atom_id_1             "O4'" 
_pdbx_validate_rmsd_angle.auth_asym_id_1             A 
_pdbx_validate_rmsd_angle.auth_comp_id_1             A 
_pdbx_validate_rmsd_angle.auth_seq_id_1              11 
_pdbx_validate_rmsd_angle.PDB_ins_code_1             ? 
_pdbx_validate_rmsd_angle.label_alt_id_1             ? 
_pdbx_validate_rmsd_angle.auth_atom_id_2             "C1'" 
_pdbx_validate_rmsd_angle.auth_asym_id_2             A 
_pdbx_validate_rmsd_angle.auth_comp_id_2             A 
_pdbx_validate_rmsd_angle.auth_seq_id_2              11 
_pdbx_validate_rmsd_angle.PDB_ins_code_2             ? 
_pdbx_validate_rmsd_angle.label_alt_id_2             ? 
_pdbx_validate_rmsd_angle.auth_atom_id_3             N9 
_pdbx_validate_rmsd_angle.auth_asym_id_3             A 
_pdbx_validate_rmsd_angle.auth_comp_id_3             A 
_pdbx_validate_rmsd_angle.auth_seq_id_3              11 
_pdbx_validate_rmsd_angle.PDB_ins_code_3             ? 
_pdbx_validate_rmsd_angle.label_alt_id_3             ? 
_pdbx_validate_rmsd_angle.angle_value                112.98 
_pdbx_validate_rmsd_angle.angle_target_value         108.50 
_pdbx_validate_rmsd_angle.angle_deviation            4.48 
_pdbx_validate_rmsd_angle.angle_standard_deviation   0.70 
_pdbx_validate_rmsd_angle.linker_flag                N 
# 
loop_
_pdbx_struct_mod_residue.id 
_pdbx_struct_mod_residue.label_asym_id 
_pdbx_struct_mod_residue.label_comp_id 
_pdbx_struct_mod_residue.label_seq_id 
_pdbx_struct_mod_residue.auth_asym_id 
_pdbx_struct_mod_residue.auth_comp_id 
_pdbx_struct_mod_residue.auth_seq_id 
_pdbx_struct_mod_residue.PDB_ins_code 
_pdbx_struct_mod_residue.parent_comp_id 
_pdbx_struct_mod_residue.details 
1 A 5BU 3  A 5BU 3  ? U "5-BROMO-URIDINE-5'-MONOPHOSPHATE" 
2 B 5BU 14 B 5BU 14 ? U "5-BROMO-URIDINE-5'-MONOPHOSPHATE" 
# 
_pdbx_refine_tls.pdbx_refine_id   'X-RAY DIFFRACTION' 
_pdbx_refine_tls.id               1 
_pdbx_refine_tls.details          ? 
_pdbx_refine_tls.method           refined 
_pdbx_refine_tls.origin_x         0.0054 
_pdbx_refine_tls.origin_y         -0.0040 
_pdbx_refine_tls.origin_z         -0.0002 
_pdbx_refine_tls.T[1][1]          0.5035 
_pdbx_refine_tls.T[2][2]          0.4715 
_pdbx_refine_tls.T[3][3]          0.4443 
_pdbx_refine_tls.T[1][2]          0.1054 
_pdbx_refine_tls.T[1][3]          -0.0857 
_pdbx_refine_tls.T[2][3]          -0.0729 
_pdbx_refine_tls.L[1][1]          1.1042 
_pdbx_refine_tls.L[2][2]          0.3773 
_pdbx_refine_tls.L[3][3]          7.0140 
_pdbx_refine_tls.L[1][2]          0.0700 
_pdbx_refine_tls.L[1][3]          -1.7260 
_pdbx_refine_tls.L[2][3]          1.0603 
_pdbx_refine_tls.S[1][1]          0.0258 
_pdbx_refine_tls.S[1][2]          0.0814 
_pdbx_refine_tls.S[1][3]          -0.5479 
_pdbx_refine_tls.S[2][1]          0.2372 
_pdbx_refine_tls.S[2][2]          -0.0490 
_pdbx_refine_tls.S[2][3]          -0.2516 
_pdbx_refine_tls.S[3][1]          0.4749 
_pdbx_refine_tls.S[3][2]          0.1053 
_pdbx_refine_tls.S[3][3]          0.0232 
# 
loop_
_pdbx_refine_tls_group.pdbx_refine_id 
_pdbx_refine_tls_group.id 
_pdbx_refine_tls_group.refine_tls_id 
_pdbx_refine_tls_group.beg_auth_asym_id 
_pdbx_refine_tls_group.beg_auth_seq_id 
_pdbx_refine_tls_group.beg_label_asym_id 
_pdbx_refine_tls_group.beg_label_seq_id 
_pdbx_refine_tls_group.end_auth_asym_id 
_pdbx_refine_tls_group.end_auth_seq_id 
_pdbx_refine_tls_group.end_label_asym_id 
_pdbx_refine_tls_group.end_label_seq_id 
_pdbx_refine_tls_group.selection 
_pdbx_refine_tls_group.selection_details 
'X-RAY DIFFRACTION' 1 1 A 1 ? ? A 18 ? ? ? ? 
'X-RAY DIFFRACTION' 2 1 B 1 ? ? B 16 ? ? ? ? 
# 
loop_
_chem_comp_atom.comp_id 
_chem_comp_atom.atom_id 
_chem_comp_atom.type_symbol 
_chem_comp_atom.pdbx_aromatic_flag 
_chem_comp_atom.pdbx_stereo_config 
_chem_comp_atom.pdbx_ordinal 
5BU P      P  N N 1   
5BU OP1    O  N N 2   
5BU OP2    O  N N 3   
5BU OP3    O  N N 4   
5BU "O5'"  O  N N 5   
5BU "C5'"  C  N N 6   
5BU "C4'"  C  N R 7   
5BU "O4'"  O  N N 8   
5BU "C3'"  C  N S 9   
5BU "O3'"  O  N N 10  
5BU "C2'"  C  N R 11  
5BU "O2'"  O  N N 12  
5BU "C1'"  C  N R 13  
5BU N1     N  N N 14  
5BU C2     C  N N 15  
5BU O2     O  N N 16  
5BU N3     N  N N 17  
5BU C4     C  N N 18  
5BU O4     O  N N 19  
5BU C5     C  N N 20  
5BU C6     C  N N 21  
5BU BR     BR N N 22  
5BU HOP2   H  N N 23  
5BU HOP3   H  N N 24  
5BU "H5'"  H  N N 25  
5BU "H5''" H  N N 26  
5BU "H4'"  H  N N 27  
5BU "H3'"  H  N N 28  
5BU "HO3'" H  N N 29  
5BU "H2'"  H  N N 30  
5BU "HO2'" H  N N 31  
5BU "H1'"  H  N N 32  
5BU H3     H  N N 33  
5BU H6     H  N N 34  
A   OP3    O  N N 35  
A   P      P  N N 36  
A   OP1    O  N N 37  
A   OP2    O  N N 38  
A   "O5'"  O  N N 39  
A   "C5'"  C  N N 40  
A   "C4'"  C  N R 41  
A   "O4'"  O  N N 42  
A   "C3'"  C  N S 43  
A   "O3'"  O  N N 44  
A   "C2'"  C  N R 45  
A   "O2'"  O  N N 46  
A   "C1'"  C  N R 47  
A   N9     N  Y N 48  
A   C8     C  Y N 49  
A   N7     N  Y N 50  
A   C5     C  Y N 51  
A   C6     C  Y N 52  
A   N6     N  N N 53  
A   N1     N  Y N 54  
A   C2     C  Y N 55  
A   N3     N  Y N 56  
A   C4     C  Y N 57  
A   HOP3   H  N N 58  
A   HOP2   H  N N 59  
A   "H5'"  H  N N 60  
A   "H5''" H  N N 61  
A   "H4'"  H  N N 62  
A   "H3'"  H  N N 63  
A   "HO3'" H  N N 64  
A   "H2'"  H  N N 65  
A   "HO2'" H  N N 66  
A   "H1'"  H  N N 67  
A   H8     H  N N 68  
A   H61    H  N N 69  
A   H62    H  N N 70  
A   H2     H  N N 71  
C   OP3    O  N N 72  
C   P      P  N N 73  
C   OP1    O  N N 74  
C   OP2    O  N N 75  
C   "O5'"  O  N N 76  
C   "C5'"  C  N N 77  
C   "C4'"  C  N R 78  
C   "O4'"  O  N N 79  
C   "C3'"  C  N S 80  
C   "O3'"  O  N N 81  
C   "C2'"  C  N R 82  
C   "O2'"  O  N N 83  
C   "C1'"  C  N R 84  
C   N1     N  N N 85  
C   C2     C  N N 86  
C   O2     O  N N 87  
C   N3     N  N N 88  
C   C4     C  N N 89  
C   N4     N  N N 90  
C   C5     C  N N 91  
C   C6     C  N N 92  
C   HOP3   H  N N 93  
C   HOP2   H  N N 94  
C   "H5'"  H  N N 95  
C   "H5''" H  N N 96  
C   "H4'"  H  N N 97  
C   "H3'"  H  N N 98  
C   "HO3'" H  N N 99  
C   "H2'"  H  N N 100 
C   "HO2'" H  N N 101 
C   "H1'"  H  N N 102 
C   H41    H  N N 103 
C   H42    H  N N 104 
C   H5     H  N N 105 
C   H6     H  N N 106 
G   OP3    O  N N 107 
G   P      P  N N 108 
G   OP1    O  N N 109 
G   OP2    O  N N 110 
G   "O5'"  O  N N 111 
G   "C5'"  C  N N 112 
G   "C4'"  C  N R 113 
G   "O4'"  O  N N 114 
G   "C3'"  C  N S 115 
G   "O3'"  O  N N 116 
G   "C2'"  C  N R 117 
G   "O2'"  O  N N 118 
G   "C1'"  C  N R 119 
G   N9     N  Y N 120 
G   C8     C  Y N 121 
G   N7     N  Y N 122 
G   C5     C  Y N 123 
G   C6     C  N N 124 
G   O6     O  N N 125 
G   N1     N  N N 126 
G   C2     C  N N 127 
G   N2     N  N N 128 
G   N3     N  N N 129 
G   C4     C  Y N 130 
G   HOP3   H  N N 131 
G   HOP2   H  N N 132 
G   "H5'"  H  N N 133 
G   "H5''" H  N N 134 
G   "H4'"  H  N N 135 
G   "H3'"  H  N N 136 
G   "HO3'" H  N N 137 
G   "H2'"  H  N N 138 
G   "HO2'" H  N N 139 
G   "H1'"  H  N N 140 
G   H8     H  N N 141 
G   H1     H  N N 142 
G   H21    H  N N 143 
G   H22    H  N N 144 
U   OP3    O  N N 145 
U   P      P  N N 146 
U   OP1    O  N N 147 
U   OP2    O  N N 148 
U   "O5'"  O  N N 149 
U   "C5'"  C  N N 150 
U   "C4'"  C  N R 151 
U   "O4'"  O  N N 152 
U   "C3'"  C  N S 153 
U   "O3'"  O  N N 154 
U   "C2'"  C  N R 155 
U   "O2'"  O  N N 156 
U   "C1'"  C  N R 157 
U   N1     N  N N 158 
U   C2     C  N N 159 
U   O2     O  N N 160 
U   N3     N  N N 161 
U   C4     C  N N 162 
U   O4     O  N N 163 
U   C5     C  N N 164 
U   C6     C  N N 165 
U   HOP3   H  N N 166 
U   HOP2   H  N N 167 
U   "H5'"  H  N N 168 
U   "H5''" H  N N 169 
U   "H4'"  H  N N 170 
U   "H3'"  H  N N 171 
U   "HO3'" H  N N 172 
U   "H2'"  H  N N 173 
U   "HO2'" H  N N 174 
U   "H1'"  H  N N 175 
U   H3     H  N N 176 
U   H5     H  N N 177 
U   H6     H  N N 178 
# 
loop_
_chem_comp_bond.comp_id 
_chem_comp_bond.atom_id_1 
_chem_comp_bond.atom_id_2 
_chem_comp_bond.value_order 
_chem_comp_bond.pdbx_aromatic_flag 
_chem_comp_bond.pdbx_stereo_config 
_chem_comp_bond.pdbx_ordinal 
5BU P     OP1    doub N N 1   
5BU P     OP2    sing N N 2   
5BU P     OP3    sing N N 3   
5BU P     "O5'"  sing N N 4   
5BU OP2   HOP2   sing N N 5   
5BU OP3   HOP3   sing N N 6   
5BU "O5'" "C5'"  sing N N 7   
5BU "C5'" "C4'"  sing N N 8   
5BU "C5'" "H5'"  sing N N 9   
5BU "C5'" "H5''" sing N N 10  
5BU "C4'" "O4'"  sing N N 11  
5BU "C4'" "C3'"  sing N N 12  
5BU "C4'" "H4'"  sing N N 13  
5BU "O4'" "C1'"  sing N N 14  
5BU "C3'" "O3'"  sing N N 15  
5BU "C3'" "C2'"  sing N N 16  
5BU "C3'" "H3'"  sing N N 17  
5BU "O3'" "HO3'" sing N N 18  
5BU "C2'" "O2'"  sing N N 19  
5BU "C2'" "C1'"  sing N N 20  
5BU "C2'" "H2'"  sing N N 21  
5BU "O2'" "HO2'" sing N N 22  
5BU "C1'" N1     sing N N 23  
5BU "C1'" "H1'"  sing N N 24  
5BU N1    C2     sing N N 25  
5BU N1    C6     sing N N 26  
5BU C2    O2     doub N N 27  
5BU C2    N3     sing N N 28  
5BU N3    C4     sing N N 29  
5BU N3    H3     sing N N 30  
5BU C4    O4     doub N N 31  
5BU C4    C5     sing N N 32  
5BU C5    C6     doub N N 33  
5BU C5    BR     sing N N 34  
5BU C6    H6     sing N N 35  
A   OP3   P      sing N N 36  
A   OP3   HOP3   sing N N 37  
A   P     OP1    doub N N 38  
A   P     OP2    sing N N 39  
A   P     "O5'"  sing N N 40  
A   OP2   HOP2   sing N N 41  
A   "O5'" "C5'"  sing N N 42  
A   "C5'" "C4'"  sing N N 43  
A   "C5'" "H5'"  sing N N 44  
A   "C5'" "H5''" sing N N 45  
A   "C4'" "O4'"  sing N N 46  
A   "C4'" "C3'"  sing N N 47  
A   "C4'" "H4'"  sing N N 48  
A   "O4'" "C1'"  sing N N 49  
A   "C3'" "O3'"  sing N N 50  
A   "C3'" "C2'"  sing N N 51  
A   "C3'" "H3'"  sing N N 52  
A   "O3'" "HO3'" sing N N 53  
A   "C2'" "O2'"  sing N N 54  
A   "C2'" "C1'"  sing N N 55  
A   "C2'" "H2'"  sing N N 56  
A   "O2'" "HO2'" sing N N 57  
A   "C1'" N9     sing N N 58  
A   "C1'" "H1'"  sing N N 59  
A   N9    C8     sing Y N 60  
A   N9    C4     sing Y N 61  
A   C8    N7     doub Y N 62  
A   C8    H8     sing N N 63  
A   N7    C5     sing Y N 64  
A   C5    C6     sing Y N 65  
A   C5    C4     doub Y N 66  
A   C6    N6     sing N N 67  
A   C6    N1     doub Y N 68  
A   N6    H61    sing N N 69  
A   N6    H62    sing N N 70  
A   N1    C2     sing Y N 71  
A   C2    N3     doub Y N 72  
A   C2    H2     sing N N 73  
A   N3    C4     sing Y N 74  
C   OP3   P      sing N N 75  
C   OP3   HOP3   sing N N 76  
C   P     OP1    doub N N 77  
C   P     OP2    sing N N 78  
C   P     "O5'"  sing N N 79  
C   OP2   HOP2   sing N N 80  
C   "O5'" "C5'"  sing N N 81  
C   "C5'" "C4'"  sing N N 82  
C   "C5'" "H5'"  sing N N 83  
C   "C5'" "H5''" sing N N 84  
C   "C4'" "O4'"  sing N N 85  
C   "C4'" "C3'"  sing N N 86  
C   "C4'" "H4'"  sing N N 87  
C   "O4'" "C1'"  sing N N 88  
C   "C3'" "O3'"  sing N N 89  
C   "C3'" "C2'"  sing N N 90  
C   "C3'" "H3'"  sing N N 91  
C   "O3'" "HO3'" sing N N 92  
C   "C2'" "O2'"  sing N N 93  
C   "C2'" "C1'"  sing N N 94  
C   "C2'" "H2'"  sing N N 95  
C   "O2'" "HO2'" sing N N 96  
C   "C1'" N1     sing N N 97  
C   "C1'" "H1'"  sing N N 98  
C   N1    C2     sing N N 99  
C   N1    C6     sing N N 100 
C   C2    O2     doub N N 101 
C   C2    N3     sing N N 102 
C   N3    C4     doub N N 103 
C   C4    N4     sing N N 104 
C   C4    C5     sing N N 105 
C   N4    H41    sing N N 106 
C   N4    H42    sing N N 107 
C   C5    C6     doub N N 108 
C   C5    H5     sing N N 109 
C   C6    H6     sing N N 110 
G   OP3   P      sing N N 111 
G   OP3   HOP3   sing N N 112 
G   P     OP1    doub N N 113 
G   P     OP2    sing N N 114 
G   P     "O5'"  sing N N 115 
G   OP2   HOP2   sing N N 116 
G   "O5'" "C5'"  sing N N 117 
G   "C5'" "C4'"  sing N N 118 
G   "C5'" "H5'"  sing N N 119 
G   "C5'" "H5''" sing N N 120 
G   "C4'" "O4'"  sing N N 121 
G   "C4'" "C3'"  sing N N 122 
G   "C4'" "H4'"  sing N N 123 
G   "O4'" "C1'"  sing N N 124 
G   "C3'" "O3'"  sing N N 125 
G   "C3'" "C2'"  sing N N 126 
G   "C3'" "H3'"  sing N N 127 
G   "O3'" "HO3'" sing N N 128 
G   "C2'" "O2'"  sing N N 129 
G   "C2'" "C1'"  sing N N 130 
G   "C2'" "H2'"  sing N N 131 
G   "O2'" "HO2'" sing N N 132 
G   "C1'" N9     sing N N 133 
G   "C1'" "H1'"  sing N N 134 
G   N9    C8     sing Y N 135 
G   N9    C4     sing Y N 136 
G   C8    N7     doub Y N 137 
G   C8    H8     sing N N 138 
G   N7    C5     sing Y N 139 
G   C5    C6     sing N N 140 
G   C5    C4     doub Y N 141 
G   C6    O6     doub N N 142 
G   C6    N1     sing N N 143 
G   N1    C2     sing N N 144 
G   N1    H1     sing N N 145 
G   C2    N2     sing N N 146 
G   C2    N3     doub N N 147 
G   N2    H21    sing N N 148 
G   N2    H22    sing N N 149 
G   N3    C4     sing N N 150 
U   OP3   P      sing N N 151 
U   OP3   HOP3   sing N N 152 
U   P     OP1    doub N N 153 
U   P     OP2    sing N N 154 
U   P     "O5'"  sing N N 155 
U   OP2   HOP2   sing N N 156 
U   "O5'" "C5'"  sing N N 157 
U   "C5'" "C4'"  sing N N 158 
U   "C5'" "H5'"  sing N N 159 
U   "C5'" "H5''" sing N N 160 
U   "C4'" "O4'"  sing N N 161 
U   "C4'" "C3'"  sing N N 162 
U   "C4'" "H4'"  sing N N 163 
U   "O4'" "C1'"  sing N N 164 
U   "C3'" "O3'"  sing N N 165 
U   "C3'" "C2'"  sing N N 166 
U   "C3'" "H3'"  sing N N 167 
U   "O3'" "HO3'" sing N N 168 
U   "C2'" "O2'"  sing N N 169 
U   "C2'" "C1'"  sing N N 170 
U   "C2'" "H2'"  sing N N 171 
U   "O2'" "HO2'" sing N N 172 
U   "C1'" N1     sing N N 173 
U   "C1'" "H1'"  sing N N 174 
U   N1    C2     sing N N 175 
U   N1    C6     sing N N 176 
U   C2    O2     doub N N 177 
U   C2    N3     sing N N 178 
U   N3    C4     sing N N 179 
U   N3    H3     sing N N 180 
U   C4    O4     doub N N 181 
U   C4    C5     sing N N 182 
U   C5    C6     doub N N 183 
U   C5    H5     sing N N 184 
U   C6    H6     sing N N 185 
# 
loop_
_ndb_struct_conf_na.entry_id 
_ndb_struct_conf_na.feature 
2JLT 'a-form double helix'  
2JLT 'hairpin loop'         
2JLT 'mismatched base pair' 
# 
loop_
_ndb_struct_na_base_pair.model_number 
_ndb_struct_na_base_pair.i_label_asym_id 
_ndb_struct_na_base_pair.i_label_comp_id 
_ndb_struct_na_base_pair.i_label_seq_id 
_ndb_struct_na_base_pair.i_symmetry 
_ndb_struct_na_base_pair.j_label_asym_id 
_ndb_struct_na_base_pair.j_label_comp_id 
_ndb_struct_na_base_pair.j_label_seq_id 
_ndb_struct_na_base_pair.j_symmetry 
_ndb_struct_na_base_pair.shear 
_ndb_struct_na_base_pair.stretch 
_ndb_struct_na_base_pair.stagger 
_ndb_struct_na_base_pair.buckle 
_ndb_struct_na_base_pair.propeller 
_ndb_struct_na_base_pair.opening 
_ndb_struct_na_base_pair.pair_number 
_ndb_struct_na_base_pair.pair_name 
_ndb_struct_na_base_pair.i_auth_asym_id 
_ndb_struct_na_base_pair.i_auth_seq_id 
_ndb_struct_na_base_pair.i_PDB_ins_code 
_ndb_struct_na_base_pair.j_auth_asym_id 
_ndb_struct_na_base_pair.j_auth_seq_id 
_ndb_struct_na_base_pair.j_PDB_ins_code 
_ndb_struct_na_base_pair.hbond_type_28 
_ndb_struct_na_base_pair.hbond_type_12 
1 A G   1  1_555 A C 18 1_555 0.409  -0.237 0.319  0.179   -1.965  -2.491  1  A_G1:C18_A   A 1  ? A 18 ? 19 1 
1 A G   2  1_555 A C 17 1_555 -0.736 -0.011 0.393  -4.314  -16.982 9.028   2  A_G2:C17_A   A 2  ? A 17 ? 19 1 
1 A 5BU 3  1_555 A A 16 1_555 -0.885 -0.230 0.142  2.926   -16.255 -1.715  3  A_5BU3:A16_A A 3  ? A 16 ? 20 1 
1 A C   4  1_555 A G 15 1_555 -0.170 -0.216 0.134  -3.060  -20.049 3.515   4  A_C4:G15_A   A 4  ? A 15 ? 19 1 
1 A G   5  1_555 A C 14 1_555 0.000  -0.128 -0.015 -12.211 -19.590 1.615   5  A_G5:C14_A   A 5  ? A 14 ? 19 1 
1 A G   6  1_555 A A 13 1_555 0.291  1.538  -0.403 18.496  -11.150 -15.771 6  A_G6:A13_A   A 6  ? A 13 ? 8  1 
1 B C   6  1_555 A G 12 1_555 0.101  -0.140 -0.020 5.889   -13.823 -0.594  7  B_C6:G12_A   B 6  ? A 12 ? 19 1 
1 B U   7  1_555 A A 11 1_555 0.035  -0.152 0.485  -0.903  -7.242  2.360   8  B_U7:A11_A   B 7  ? A 11 ? 20 1 
1 B G   8  1_555 A C 10 1_555 -0.191 -0.049 0.006  2.058   1.426   4.589   9  B_G8:C10_A   B 8  ? A 10 ? 19 1 
1 B G   9  1_555 A C 9  1_555 -0.379 -0.028 -0.281 4.529   -2.509  6.897   10 B_G9:C9_A    B 9  ? A 9  ? 19 1 
1 B G   10 1_555 A C 8  1_555 -0.319 -0.324 -0.476 -4.657  -6.404  3.489   11 B_G10:C8_A   B 10 ? A 8  ? 19 1 
1 B A   11 1_555 A U 7  1_555 0.422  -0.151 -0.308 -15.442 3.507   1.653   12 B_A11:U7_A   B 11 ? A 7  ? 20 1 
1 B G   12 1_555 B C 5  1_555 0.073  -0.011 -0.148 -7.472  6.356   5.288   13 B_G12:C5_B   B 12 ? B 5  ? 19 1 
1 B C   13 1_555 B G 4  1_555 0.286  -0.068 -0.201 5.469   -4.732  4.217   14 B_C13:G4_B   B 13 ? B 4  ? 19 1 
1 B 5BU 14 1_555 B A 3  1_555 -0.333 -0.159 -0.230 9.813   -11.808 0.197   15 B_5BU14:A3_B B 14 ? B 3  ? 20 1 
1 B C   15 1_555 B G 2  1_555 0.510  -0.152 0.282  -3.717  -9.161  7.028   16 B_C15:G2_B   B 15 ? B 2  ? 19 1 
1 B C   16 1_555 B G 1  1_555 -0.232 -0.176 0.188  -3.686  -4.834  3.806   17 B_C16:G1_B   B 16 ? B 1  ? 19 1 
# 
loop_
_ndb_struct_na_base_pair_step.model_number 
_ndb_struct_na_base_pair_step.i_label_asym_id_1 
_ndb_struct_na_base_pair_step.i_label_comp_id_1 
_ndb_struct_na_base_pair_step.i_label_seq_id_1 
_ndb_struct_na_base_pair_step.i_symmetry_1 
_ndb_struct_na_base_pair_step.j_label_asym_id_1 
_ndb_struct_na_base_pair_step.j_label_comp_id_1 
_ndb_struct_na_base_pair_step.j_label_seq_id_1 
_ndb_struct_na_base_pair_step.j_symmetry_1 
_ndb_struct_na_base_pair_step.i_label_asym_id_2 
_ndb_struct_na_base_pair_step.i_label_comp_id_2 
_ndb_struct_na_base_pair_step.i_label_seq_id_2 
_ndb_struct_na_base_pair_step.i_symmetry_2 
_ndb_struct_na_base_pair_step.j_label_asym_id_2 
_ndb_struct_na_base_pair_step.j_label_comp_id_2 
_ndb_struct_na_base_pair_step.j_label_seq_id_2 
_ndb_struct_na_base_pair_step.j_symmetry_2 
_ndb_struct_na_base_pair_step.shift 
_ndb_struct_na_base_pair_step.slide 
_ndb_struct_na_base_pair_step.rise 
_ndb_struct_na_base_pair_step.tilt 
_ndb_struct_na_base_pair_step.roll 
_ndb_struct_na_base_pair_step.twist 
_ndb_struct_na_base_pair_step.x_displacement 
_ndb_struct_na_base_pair_step.y_displacement 
_ndb_struct_na_base_pair_step.helical_rise 
_ndb_struct_na_base_pair_step.inclination 
_ndb_struct_na_base_pair_step.tip 
_ndb_struct_na_base_pair_step.helical_twist 
_ndb_struct_na_base_pair_step.step_number 
_ndb_struct_na_base_pair_step.step_name 
_ndb_struct_na_base_pair_step.i_auth_asym_id_1 
_ndb_struct_na_base_pair_step.i_auth_seq_id_1 
_ndb_struct_na_base_pair_step.i_PDB_ins_code_1 
_ndb_struct_na_base_pair_step.j_auth_asym_id_1 
_ndb_struct_na_base_pair_step.j_auth_seq_id_1 
_ndb_struct_na_base_pair_step.j_PDB_ins_code_1 
_ndb_struct_na_base_pair_step.i_auth_asym_id_2 
_ndb_struct_na_base_pair_step.i_auth_seq_id_2 
_ndb_struct_na_base_pair_step.i_PDB_ins_code_2 
_ndb_struct_na_base_pair_step.j_auth_asym_id_2 
_ndb_struct_na_base_pair_step.j_auth_seq_id_2 
_ndb_struct_na_base_pair_step.j_PDB_ins_code_2 
1 A G   1  1_555 A C 18 1_555 A G   2  1_555 A C 17 1_555 0.791  -1.948 3.405 0.571  4.179  27.886 -4.974 -1.491 3.101 8.609  
-1.177 28.197 1  AA_G1G2:C17C18_AA   A 1  ? A 18 ? A 2  ? A 17 ? 
1 A G   2  1_555 A C 17 1_555 A 5BU 3  1_555 A A 16 1_555 -1.369 -1.587 2.989 -2.748 5.402  32.292 -3.633 2.000  2.798 9.608  
4.886  32.841 2  AA_G25BU3:A16C17_AA A 2  ? A 17 ? A 3  ? A 16 ? 
1 A 5BU 3  1_555 A A 16 1_555 A C   4  1_555 A G 15 1_555 1.284  -1.341 3.377 3.083  8.734  33.096 -3.640 -1.693 3.039 14.971 
-5.285 34.333 3  AA_5BU3C4:G15A16_AA A 3  ? A 16 ? A 4  ? A 15 ? 
1 A C   4  1_555 A G 15 1_555 A G   5  1_555 A C 14 1_555 0.149  -1.699 3.113 3.729  22.261 35.561 -4.277 0.110  1.797 32.708 
-5.480 41.923 4  AA_C4G5:C14G15_AA   A 4  ? A 15 ? A 5  ? A 14 ? 
1 A G   5  1_555 A C 14 1_555 A G   6  1_555 A A 13 1_555 -1.494 -0.672 2.680 4.857  4.617  28.359 -2.108 3.784  2.262 9.261  
-9.743 29.125 5  AA_G5G6:A13C14_AA   A 5  ? A 14 ? A 6  ? A 13 ? 
1 A G   6  1_555 A A 13 1_555 B C   6  1_555 A G 12 1_555 -0.213 -1.674 3.423 -5.649 1.602  40.765 -2.561 -0.333 3.357 2.285  
8.059  41.168 6  AB_G6C6:G12A13_AA   A 6  ? A 13 ? B 6  ? A 12 ? 
1 B C   6  1_555 A G 12 1_555 B U   7  1_555 A A 11 1_555 -0.801 -2.343 3.235 -8.265 8.543  33.857 -4.956 0.192  2.700 14.139 
13.680 35.825 7  BB_C6U7:A11G12_AA   B 6  ? A 12 ? B 7  ? A 11 ? 
1 B U   7  1_555 A A 11 1_555 B G   8  1_555 A C 10 1_555 -0.549 -1.427 2.728 1.797  18.029 32.988 -3.934 1.024  1.717 29.174 
-2.908 37.514 8  BB_U7G8:C10A11_AA   B 7  ? A 11 ? B 8  ? A 10 ? 
1 B G   8  1_555 A C 10 1_555 B G   9  1_555 A C 9  1_555 0.264  -1.355 3.159 0.328  14.305 29.714 -4.536 -0.417 2.286 26.077 
-0.598 32.910 9  BB_G8G9:C9C10_AA    B 8  ? A 10 ? B 9  ? A 9  ? 
1 B G   9  1_555 A C 9  1_555 B G   10 1_555 A C 8  1_555 0.262  -1.987 3.297 0.135  15.356 33.774 -4.957 -0.396 2.218 24.897 
-0.219 37.008 10 BB_G9G10:C8C9_AA    B 9  ? A 9  ? B 10 ? A 8  ? 
1 B G   10 1_555 A C 8  1_555 B A   11 1_555 A U 7  1_555 0.441  -2.156 3.510 1.419  9.542  38.095 -4.346 -0.488 2.921 14.340 
-2.132 39.254 11 BB_G10A11:U7C8_AA   B 10 ? A 8  ? B 11 ? A 7  ? 
1 B A   11 1_555 A U 7  1_555 B G   12 1_555 B C 5  1_555 2.432  -1.268 3.044 4.215  3.662  42.180 -2.100 -2.948 3.146 5.061  
-5.827 42.531 12 BB_A11G12:C5U7_BA   B 11 ? A 7  ? B 12 ? B 5  ? 
1 B G   12 1_555 B C 5  1_555 B C   13 1_555 B G 4  1_555 0.183  -1.733 3.099 1.381  13.296 22.734 -6.696 -0.101 1.828 30.569 
-3.175 26.328 13 BB_G12C13:G4C5_BB   B 12 ? B 5  ? B 13 ? B 4  ? 
1 B C   13 1_555 B G 4  1_555 B 5BU 14 1_555 B A 3  1_555 -0.838 -2.197 3.128 -3.345 9.597  28.011 -6.011 1.026  2.345 19.050 
6.640  29.763 14 BB_C135BU14:A3G4_BB B 13 ? B 4  ? B 14 ? B 3  ? 
1 B 5BU 14 1_555 B A 3  1_555 B C   15 1_555 B G 2  1_555 1.041  -1.822 3.573 -0.577 8.087  36.016 -4.008 -1.725 3.090 12.878 
0.918  36.888 15 BB_5BU14C15:G2A3_BB B 14 ? B 3  ? B 15 ? B 2  ? 
1 B C   15 1_555 B G 2  1_555 B C   16 1_555 B G 1  1_555 0.025  -2.310 3.121 2.354  6.042  26.625 -6.191 0.459  2.537 12.878 
-5.017 27.389 16 BB_C15C16:G1G2_BB   B 15 ? B 2  ? B 16 ? B 1  ? 
# 
_atom_sites.entry_id                    2JLT 
_atom_sites.fract_transf_matrix[1][1]   -0.00605388 
_atom_sites.fract_transf_matrix[1][2]   -0.00749849 
_atom_sites.fract_transf_matrix[1][3]   -0.00674822 
_atom_sites.fract_transf_matrix[2][1]   -0.00765482 
_atom_sites.fract_transf_matrix[2][2]   -0.00171126 
_atom_sites.fract_transf_matrix[2][3]   0.00876872 
_atom_sites.fract_transf_matrix[3][1]   -0.00657035 
_atom_sites.fract_transf_matrix[3][2]   0.00890278 
_atom_sites.fract_transf_matrix[3][3]   -0.00399828 
_atom_sites.fract_transf_vector[1]      -0.020105 
_atom_sites.fract_transf_vector[2]      -0.281089 
_atom_sites.fract_transf_vector[3]      -0.286430 
# 
loop_
_atom_type.symbol 
BR 
C  
N  
O  
P  
# 
loop_
_atom_site.group_PDB 
_atom_site.id 
_atom_site.type_symbol 
_atom_site.label_atom_id 
_atom_site.label_alt_id 
_atom_site.label_comp_id 
_atom_site.label_asym_id 
_atom_site.label_entity_id 
_atom_site.label_seq_id 
_atom_site.pdbx_PDB_ins_code 
_atom_site.Cartn_x 
_atom_site.Cartn_y 
_atom_site.Cartn_z 
_atom_site.occupancy 
_atom_site.B_iso_or_equiv 
_atom_site.pdbx_formal_charge 
_atom_site.auth_seq_id 
_atom_site.auth_comp_id 
_atom_site.auth_asym_id 
_atom_site.auth_atom_id 
_atom_site.pdbx_PDB_model_num 
ATOM   1   O  "O5'" . G   A 1 1  ? -11.076 5.807   15.245  1.00 21.08 ? 1  G   A "O5'" 1 
ATOM   2   C  "C5'" . G   A 1 1  ? -11.362 6.731   16.267  1.00 20.14 ? 1  G   A "C5'" 1 
ATOM   3   C  "C4'" . G   A 1 1  ? -10.489 6.339   17.419  1.00 20.99 ? 1  G   A "C4'" 1 
ATOM   4   O  "O4'" . G   A 1 1  ? -11.240 5.435   18.252  1.00 22.04 ? 1  G   A "O4'" 1 
ATOM   5   C  "C3'" . G   A 1 1  ? -9.282  5.522   17.011  1.00 21.04 ? 1  G   A "C3'" 1 
ATOM   6   O  "O3'" . G   A 1 1  ? -8.259  6.391   16.640  1.00 22.22 ? 1  G   A "O3'" 1 
ATOM   7   C  "C2'" . G   A 1 1  ? -8.976  4.804   18.317  1.00 20.93 ? 1  G   A "C2'" 1 
ATOM   8   O  "O2'" . G   A 1 1  ? -8.358  5.628   19.282  1.00 19.97 ? 1  G   A "O2'" 1 
ATOM   9   C  "C1'" . G   A 1 1  ? -10.388 4.418   18.737  1.00 21.52 ? 1  G   A "C1'" 1 
ATOM   10  N  N9    . G   A 1 1  ? -10.751 3.128   18.159  1.00 22.15 ? 1  G   A N9    1 
ATOM   11  C  C8    . G   A 1 1  ? -11.608 2.848   17.121  1.00 21.30 ? 1  G   A C8    1 
ATOM   12  N  N7    . G   A 1 1  ? -11.687 1.577   16.848  1.00 21.49 ? 1  G   A N7    1 
ATOM   13  C  C5    . G   A 1 1  ? -10.824 0.987   17.760  1.00 22.78 ? 1  G   A C5    1 
ATOM   14  C  C6    . G   A 1 1  ? -10.482 -0.367  17.970  1.00 23.33 ? 1  G   A C6    1 
ATOM   15  O  O6    . G   A 1 1  ? -10.903 -1.334  17.352  1.00 24.66 ? 1  G   A O6    1 
ATOM   16  N  N1    . G   A 1 1  ? -9.574  -0.574  19.004  1.00 23.79 ? 1  G   A N1    1 
ATOM   17  C  C2    . G   A 1 1  ? -9.048  0.447   19.757  1.00 24.61 ? 1  G   A C2    1 
ATOM   18  N  N2    . G   A 1 1  ? -8.181  0.096   20.711  1.00 25.62 ? 1  G   A N2    1 
ATOM   19  N  N3    . G   A 1 1  ? -9.353  1.728   19.586  1.00 24.12 ? 1  G   A N3    1 
ATOM   20  C  C4    . G   A 1 1  ? -10.240 1.924   18.572  1.00 23.15 ? 1  G   A C4    1 
ATOM   21  P  P     . G   A 1 2  ? -7.015  5.873   15.788  1.00 23.44 ? 2  G   A P     1 
ATOM   22  O  OP1   . G   A 1 2  ? -6.108  7.021   15.627  1.00 25.30 ? 2  G   A OP1   1 
ATOM   23  O  OP2   . G   A 1 2  ? -7.508  5.157   14.590  1.00 22.20 ? 2  G   A OP2   1 
ATOM   24  O  "O5'" . G   A 1 2  ? -6.259  4.890   16.779  1.00 22.94 ? 2  G   A "O5'" 1 
ATOM   25  C  "C5'" . G   A 1 2  ? -5.442  5.443   17.768  1.00 22.55 ? 2  G   A "C5'" 1 
ATOM   26  C  "C4'" . G   A 1 2  ? -5.002  4.323   18.672  1.00 23.36 ? 2  G   A "C4'" 1 
ATOM   27  O  "O4'" . G   A 1 2  ? -6.108  3.425   18.907  1.00 23.88 ? 2  G   A "O4'" 1 
ATOM   28  C  "C3'" . G   A 1 2  ? -3.934  3.454   18.056  1.00 23.18 ? 2  G   A "C3'" 1 
ATOM   29  O  "O3'" . G   A 1 2  ? -2.704  4.046   18.375  1.00 23.74 ? 2  G   A "O3'" 1 
ATOM   30  C  "C2'" . G   A 1 2  ? -4.137  2.122   18.773  1.00 23.53 ? 2  G   A "C2'" 1 
ATOM   31  O  "O2'" . G   A 1 2  ? -3.455  2.044   20.006  1.00 23.97 ? 2  G   A "O2'" 1 
ATOM   32  C  "C1'" . G   A 1 2  ? -5.644  2.092   18.997  1.00 23.80 ? 2  G   A "C1'" 1 
ATOM   33  N  N9    . G   A 1 2  ? -6.332  1.321   17.974  1.00 24.22 ? 2  G   A N9    1 
ATOM   34  C  C8    . G   A 1 2  ? -7.132  1.829   16.988  1.00 24.53 ? 2  G   A C8    1 
ATOM   35  N  N7    . G   A 1 2  ? -7.615  0.917   16.202  1.00 25.23 ? 2  G   A N7    1 
ATOM   36  C  C5    . G   A 1 2  ? -7.102  -0.275  16.691  1.00 25.24 ? 2  G   A C5    1 
ATOM   37  C  C6    . G   A 1 2  ? -7.284  -1.605  16.233  1.00 26.59 ? 2  G   A C6    1 
ATOM   38  O  O6    . G   A 1 2  ? -7.967  -2.003  15.264  1.00 27.89 ? 2  G   A O6    1 
ATOM   39  N  N1    . G   A 1 2  ? -6.580  -2.521  17.022  1.00 26.63 ? 2  G   A N1    1 
ATOM   40  C  C2    . G   A 1 2  ? -5.806  -2.184  18.110  1.00 26.03 ? 2  G   A C2    1 
ATOM   41  N  N2    . G   A 1 2  ? -5.199  -3.186  18.764  1.00 25.30 ? 2  G   A N2    1 
ATOM   42  N  N3    . G   A 1 2  ? -5.635  -0.935  18.529  1.00 25.64 ? 2  G   A N3    1 
ATOM   43  C  C4    . G   A 1 2  ? -6.307  -0.038  17.780  1.00 24.53 ? 2  G   A C4    1 
HETATM 44  P  P     . 5BU A 1 3  ? -1.393  3.707   17.526  1.00 24.24 ? 3  5BU A P     1 
HETATM 45  O  OP1   . 5BU A 1 3  ? -0.274  4.438   18.160  1.00 23.72 ? 3  5BU A OP1   1 
HETATM 46  O  OP2   . 5BU A 1 3  ? -1.765  3.884   16.112  1.00 22.28 ? 3  5BU A OP2   1 
HETATM 47  O  "O5'" . 5BU A 1 3  ? -1.058  2.161   17.760  1.00 24.40 ? 3  5BU A "O5'" 1 
HETATM 48  C  "C5'" . 5BU A 1 3  ? -0.199  1.843   18.830  1.00 25.94 ? 3  5BU A "C5'" 1 
HETATM 49  C  "C4'" . 5BU A 1 3  ? 0.049   0.362   18.850  1.00 27.66 ? 3  5BU A "C4'" 1 
HETATM 50  O  "O4'" . 5BU A 1 3  ? -1.176  -0.347  18.880  1.00 28.24 ? 3  5BU A "O4'" 1 
HETATM 51  C  "C3'" . 5BU A 1 3  ? 0.647   -0.154  17.573  1.00 28.12 ? 3  5BU A "C3'" 1 
HETATM 52  O  "O3'" . 5BU A 1 3  ? 1.997   0.225   17.552  1.00 29.37 ? 3  5BU A "O3'" 1 
HETATM 53  C  "C2'" . 5BU A 1 3  ? 0.451   -1.651  17.755  1.00 28.00 ? 3  5BU A "C2'" 1 
HETATM 54  O  "O2'" . 5BU A 1 3  ? 1.326   -2.219  18.728  1.00 28.92 ? 3  5BU A "O2'" 1 
HETATM 55  C  "C1'" . 5BU A 1 3  ? -0.969  -1.643  18.284  1.00 28.24 ? 3  5BU A "C1'" 1 
HETATM 56  N  N1    . 5BU A 1 3  ? -1.975  -1.825  17.221  1.00 28.74 ? 3  5BU A N1    1 
HETATM 57  C  C2    . 5BU A 1 3  ? -2.341  -3.109  16.779  1.00 28.98 ? 3  5BU A C2    1 
HETATM 58  O  O2    . 5BU A 1 3  ? -1.858  -4.144  17.229  1.00 30.76 ? 3  5BU A O2    1 
HETATM 59  N  N3    . 5BU A 1 3  ? -3.312  -3.131  15.766  1.00 28.60 ? 3  5BU A N3    1 
HETATM 60  C  C4    . 5BU A 1 3  ? -3.928  -2.022  15.179  1.00 28.62 ? 3  5BU A C4    1 
HETATM 61  O  O4    . 5BU A 1 3  ? -4.768  -2.157  14.297  1.00 27.83 ? 3  5BU A O4    1 
HETATM 62  C  C5    . 5BU A 1 3  ? -3.507  -0.804  15.672  1.00 28.89 ? 3  5BU A C5    1 
HETATM 63  C  C6    . 5BU A 1 3  ? -2.563  -0.700  16.667  1.00 29.10 ? 3  5BU A C6    1 
HETATM 64  BR BR    . 5BU A 1 3  ? -4.228  0.762   14.989  0.75 31.03 ? 3  5BU A BR    1 
ATOM   65  P  P     . C   A 1 4  ? 2.763   0.110   16.167  1.00 30.33 ? 4  C   A P     1 
ATOM   66  O  OP1   . C   A 1 4  ? 4.099   0.726   16.378  1.00 29.83 ? 4  C   A OP1   1 
ATOM   67  O  OP2   . C   A 1 4  ? 1.839   0.528   15.077  1.00 29.49 ? 4  C   A OP2   1 
ATOM   68  O  "O5'" . C   A 1 4  ? 2.987   -1.465  16.086  1.00 29.82 ? 4  C   A "O5'" 1 
ATOM   69  C  "C5'" . C   A 1 4  ? 3.363   -2.028  14.882  1.00 29.24 ? 4  C   A "C5'" 1 
ATOM   70  C  "C4'" . C   A 1 4  ? 2.679   -3.356  14.733  1.00 29.36 ? 4  C   A "C4'" 1 
ATOM   71  O  "O4'" . C   A 1 4  ? 1.282   -3.294  15.089  1.00 29.15 ? 4  C   A "O4'" 1 
ATOM   72  C  "C3'" . C   A 1 4  ? 2.583   -3.724  13.281  1.00 29.98 ? 4  C   A "C3'" 1 
ATOM   73  O  "O3'" . C   A 1 4  ? 3.852   -4.093  12.825  1.00 30.83 ? 4  C   A "O3'" 1 
ATOM   74  C  "C2'" . C   A 1 4  ? 1.574   -4.854  13.321  1.00 29.46 ? 4  C   A "C2'" 1 
ATOM   75  O  "O2'" . C   A 1 4  ? 2.106   -6.061  13.823  1.00 29.34 ? 4  C   A "O2'" 1 
ATOM   76  C  "C1'" . C   A 1 4  ? 0.571   -4.224  14.287  1.00 28.67 ? 4  C   A "C1'" 1 
ATOM   77  N  N1    . C   A 1 4  ? -0.491  -3.511  13.533  1.00 27.62 ? 4  C   A N1    1 
ATOM   78  C  C2    . C   A 1 4  ? -1.404  -4.252  12.769  1.00 27.35 ? 4  C   A C2    1 
ATOM   79  O  O2    . C   A 1 4  ? -1.317  -5.476  12.740  1.00 27.52 ? 4  C   A O2    1 
ATOM   80  N  N3    . C   A 1 4  ? -2.371  -3.613  12.075  1.00 27.77 ? 4  C   A N3    1 
ATOM   81  C  C4    . C   A 1 4  ? -2.439  -2.277  12.127  1.00 28.68 ? 4  C   A C4    1 
ATOM   82  N  N4    . C   A 1 4  ? -3.407  -1.678  11.425  1.00 28.87 ? 4  C   A N4    1 
ATOM   83  C  C5    . C   A 1 4  ? -1.515  -1.495  12.896  1.00 28.37 ? 4  C   A C5    1 
ATOM   84  C  C6    . C   A 1 4  ? -0.565  -2.147  13.578  1.00 27.72 ? 4  C   A C6    1 
ATOM   85  P  P     . G   A 1 5  ? 4.304   -3.372  11.478  1.00 30.64 ? 5  G   A P     1 
ATOM   86  O  OP1   . G   A 1 5  ? 5.762   -3.586  11.305  1.00 30.22 ? 5  G   A OP1   1 
ATOM   87  O  OP2   . G   A 1 5  ? 3.780   -1.985  11.499  1.00 29.63 ? 5  G   A OP2   1 
ATOM   88  O  "O5'" . G   A 1 5  ? 3.490   -4.264  10.419  1.00 29.06 ? 5  G   A "O5'" 1 
ATOM   89  C  "C5'" . G   A 1 5  ? 3.790   -5.654  10.329  1.00 27.83 ? 5  G   A "C5'" 1 
ATOM   90  C  "C4'" . G   A 1 5  ? 2.874   -6.315  9.336   1.00 27.21 ? 5  G   A "C4'" 1 
ATOM   91  O  "O4'" . G   A 1 5  ? 1.508   -6.166  9.788   1.00 27.51 ? 5  G   A "O4'" 1 
ATOM   92  C  "C3'" . G   A 1 5  ? 2.871   -5.628  7.989   1.00 26.64 ? 5  G   A "C3'" 1 
ATOM   93  O  "O3'" . G   A 1 5  ? 4.001   -6.013  7.217   1.00 25.55 ? 5  G   A "O3'" 1 
ATOM   94  C  "C2'" . G   A 1 5  ? 1.555   -6.135  7.422   1.00 27.05 ? 5  G   A "C2'" 1 
ATOM   95  O  "O2'" . G   A 1 5  ? 1.708   -7.445  6.920   1.00 27.14 ? 5  G   A "O2'" 1 
ATOM   96  C  "C1'" . G   A 1 5  ? 0.647   -6.096  8.661   1.00 27.20 ? 5  G   A "C1'" 1 
ATOM   97  N  N9    . G   A 1 5  ? -0.204  -4.894  8.770   1.00 27.02 ? 5  G   A N9    1 
ATOM   98  C  C8    . G   A 1 5  ? 0.072   -3.739  9.469   1.00 27.19 ? 5  G   A C8    1 
ATOM   99  N  N7    . G   A 1 5  ? -0.857  -2.822  9.384   1.00 26.68 ? 5  G   A N7    1 
ATOM   100 C  C5    . G   A 1 5  ? -1.827  -3.401  8.585   1.00 26.21 ? 5  G   A C5    1 
ATOM   101 C  C6    . G   A 1 5  ? -3.068  -2.882  8.145   1.00 26.22 ? 5  G   A C6    1 
ATOM   102 O  O6    . G   A 1 5  ? -3.571  -1.781  8.385   1.00 26.98 ? 5  G   A O6    1 
ATOM   103 N  N1    . G   A 1 5  ? -3.758  -3.774  7.339   1.00 25.84 ? 5  G   A N1    1 
ATOM   104 C  C2    . G   A 1 5  ? -3.287  -5.022  7.004   1.00 25.79 ? 5  G   A C2    1 
ATOM   105 N  N2    . G   A 1 5  ? -4.075  -5.758  6.216   1.00 25.30 ? 5  G   A N2    1 
ATOM   106 N  N3    . G   A 1 5  ? -2.125  -5.526  7.405   1.00 25.79 ? 5  G   A N3    1 
ATOM   107 C  C4    . G   A 1 5  ? -1.441  -4.667  8.194   1.00 26.23 ? 5  G   A C4    1 
ATOM   108 P  P     . G   A 1 6  ? 4.760   -4.898  6.348   1.00 24.81 ? 6  G   A P     1 
ATOM   109 O  OP1   . G   A 1 6  ? 6.195   -4.898  6.686   1.00 24.09 ? 6  G   A OP1   1 
ATOM   110 O  OP2   . G   A 1 6  ? 3.989   -3.644  6.423   1.00 24.91 ? 6  G   A OP2   1 
ATOM   111 O  "O5'" . G   A 1 6  ? 4.606   -5.401  4.844   1.00 25.32 ? 6  G   A "O5'" 1 
ATOM   112 C  "C5'" . G   A 1 6  ? 4.096   -6.674  4.517   1.00 25.41 ? 6  G   A "C5'" 1 
ATOM   113 C  "C4'" . G   A 1 6  ? 3.334   -6.614  3.205   1.00 25.72 ? 6  G   A "C4'" 1 
ATOM   114 O  "O4'" . G   A 1 6  ? 1.919   -6.612  3.513   1.00 27.09 ? 6  G   A "O4'" 1 
ATOM   115 C  "C3'" . G   A 1 6  ? 3.563   -5.396  2.324   1.00 24.70 ? 6  G   A "C3'" 1 
ATOM   116 O  "O3'" . G   A 1 6  ? 4.600   -5.657  1.399   1.00 23.66 ? 6  G   A "O3'" 1 
ATOM   117 C  "C2'" . G   A 1 6  ? 2.229   -5.276  1.606   1.00 25.58 ? 6  G   A "C2'" 1 
ATOM   118 O  "O2'" . G   A 1 6  ? 2.184   -6.121  0.487   1.00 25.75 ? 6  G   A "O2'" 1 
ATOM   119 C  "C1'" . G   A 1 6  ? 1.221   -5.773  2.627   1.00 27.03 ? 6  G   A "C1'" 1 
ATOM   120 N  N9    . G   A 1 6  ? 0.619   -4.707  3.416   1.00 28.94 ? 6  G   A N9    1 
ATOM   121 C  C8    . G   A 1 6  ? 1.266   -3.788  4.212   1.00 29.89 ? 6  G   A C8    1 
ATOM   122 N  N7    . G   A 1 6  ? 0.465   -2.940  4.799   1.00 30.48 ? 6  G   A N7    1 
ATOM   123 C  C5    . G   A 1 6  ? -0.796  -3.324  4.369   1.00 30.18 ? 6  G   A C5    1 
ATOM   124 C  C6    . G   A 1 6  ? -2.061  -2.776  4.680   1.00 30.31 ? 6  G   A C6    1 
ATOM   125 O  O6    . G   A 1 6  ? -2.303  -1.822  5.423   1.00 31.06 ? 6  G   A O6    1 
ATOM   126 N  N1    . G   A 1 6  ? -3.101  -3.448  4.045   1.00 30.36 ? 6  G   A N1    1 
ATOM   127 C  C2    . G   A 1 6  ? -2.917  -4.530  3.207   1.00 30.53 ? 6  G   A C2    1 
ATOM   128 N  N2    . G   A 1 6  ? -4.024  -5.063  2.670   1.00 31.17 ? 6  G   A N2    1 
ATOM   129 N  N3    . G   A 1 6  ? -1.734  -5.060  2.903   1.00 30.11 ? 6  G   A N3    1 
ATOM   130 C  C4    . G   A 1 6  ? -0.719  -4.410  3.521   1.00 29.82 ? 6  G   A C4    1 
ATOM   131 P  P     . U   A 1 7  ? 5.266   -4.493  0.518   1.00 23.73 ? 7  U   A P     1 
ATOM   132 O  OP1   . U   A 1 7  ? 4.253   -3.840  -0.343  1.00 23.12 ? 7  U   A OP1   1 
ATOM   133 O  OP2   . U   A 1 7  ? 6.449   -5.094  -0.132  1.00 24.82 ? 7  U   A OP2   1 
ATOM   134 O  "O5'" . U   A 1 7  ? 5.713   -3.429  1.623   1.00 22.76 ? 7  U   A "O5'" 1 
ATOM   135 C  "C5'" . U   A 1 7  ? 6.854   -3.607  2.438   1.00 22.72 ? 7  U   A "C5'" 1 
ATOM   136 C  "C4'" . U   A 1 7  ? 7.852   -2.495  2.179   1.00 23.55 ? 7  U   A "C4'" 1 
ATOM   137 O  "O4'" . U   A 1 7  ? 8.188   -2.469  0.770   1.00 24.13 ? 7  U   A "O4'" 1 
ATOM   138 C  "C3'" . U   A 1 7  ? 7.348   -1.086  2.454   1.00 23.83 ? 7  U   A "C3'" 1 
ATOM   139 O  "O3'" . U   A 1 7  ? 7.441   -0.758  3.829   1.00 23.52 ? 7  U   A "O3'" 1 
ATOM   140 C  "C2'" . U   A 1 7  ? 8.315   -0.259  1.625   1.00 24.12 ? 7  U   A "C2'" 1 
ATOM   141 O  "O2'" . U   A 1 7  ? 9.551   -0.052  2.275   1.00 23.75 ? 7  U   A "O2'" 1 
ATOM   142 C  "C1'" . U   A 1 7  ? 8.488   -1.139  0.388   1.00 24.54 ? 7  U   A "C1'" 1 
ATOM   143 N  N1    . U   A 1 7  ? 7.623   -0.694  -0.764  1.00 25.33 ? 7  U   A N1    1 
ATOM   144 C  C2    . U   A 1 7  ? 7.903   0.529   -1.347  1.00 26.25 ? 7  U   A C2    1 
ATOM   145 O  O2    . U   A 1 7  ? 8.806   1.244   -0.972  1.00 27.83 ? 7  U   A O2    1 
ATOM   146 N  N3    . U   A 1 7  ? 7.105   0.916   -2.390  1.00 26.40 ? 7  U   A N3    1 
ATOM   147 C  C4    . U   A 1 7  ? 6.047   0.210   -2.914  1.00 27.17 ? 7  U   A C4    1 
ATOM   148 O  O4    . U   A 1 7  ? 5.425   0.693   -3.862  1.00 27.74 ? 7  U   A O4    1 
ATOM   149 C  C5    . U   A 1 7  ? 5.802   -1.065  -2.259  1.00 26.95 ? 7  U   A C5    1 
ATOM   150 C  C6    . U   A 1 7  ? 6.577   -1.466  -1.230  1.00 25.75 ? 7  U   A C6    1 
ATOM   151 P  P     . C   A 1 8  ? 6.373   0.252   4.463   1.00 23.26 ? 8  C   A P     1 
ATOM   152 O  OP1   . C   A 1 8  ? 6.491   0.234   5.939   1.00 21.95 ? 8  C   A OP1   1 
ATOM   153 O  OP2   . C   A 1 8  ? 5.046   -0.056  3.891   1.00 21.88 ? 8  C   A OP2   1 
ATOM   154 O  "O5'" . C   A 1 8  ? 6.933   1.637   3.896   1.00 22.43 ? 8  C   A "O5'" 1 
ATOM   155 C  "C5'" . C   A 1 8  ? 8.070   2.188   4.514   1.00 23.05 ? 8  C   A "C5'" 1 
ATOM   156 C  "C4'" . C   A 1 8  ? 8.296   3.606   4.051   1.00 24.45 ? 8  C   A "C4'" 1 
ATOM   157 O  "O4'" . C   A 1 8  ? 8.670   3.571   2.656   1.00 25.58 ? 8  C   A "O4'" 1 
ATOM   158 C  "C3'" . C   A 1 8  ? 7.090   4.523   4.103   1.00 25.16 ? 8  C   A "C3'" 1 
ATOM   159 O  "O3'" . C   A 1 8  ? 7.057   5.131   5.352   1.00 26.51 ? 8  C   A "O3'" 1 
ATOM   160 C  "C2'" . C   A 1 8  ? 7.468   5.547   3.044   1.00 25.87 ? 8  C   A "C2'" 1 
ATOM   161 O  "O2'" . C   A 1 8  ? 8.426   6.486   3.477   1.00 26.14 ? 8  C   A "O2'" 1 
ATOM   162 C  "C1'" . C   A 1 8  ? 8.085   4.662   1.974   1.00 25.78 ? 8  C   A "C1'" 1 
ATOM   163 N  N1    . C   A 1 8  ? 7.044   4.201   1.019   1.00 25.97 ? 8  C   A N1    1 
ATOM   164 C  C2    . C   A 1 8  ? 6.567   5.113   0.084   1.00 26.89 ? 8  C   A C2    1 
ATOM   165 O  O2    . C   A 1 8  ? 7.042   6.251   0.092   1.00 27.69 ? 8  C   A O2    1 
ATOM   166 N  N3    . C   A 1 8  ? 5.606   4.725   -0.797  1.00 27.57 ? 8  C   A N3    1 
ATOM   167 C  C4    . C   A 1 8  ? 5.127   3.482   -0.752  1.00 26.88 ? 8  C   A C4    1 
ATOM   168 N  N4    . C   A 1 8  ? 4.193   3.135   -1.631  1.00 26.41 ? 8  C   A N4    1 
ATOM   169 C  C5    . C   A 1 8  ? 5.594   2.535   0.200   1.00 27.02 ? 8  C   A C5    1 
ATOM   170 C  C6    . C   A 1 8  ? 6.540   2.934   1.056   1.00 26.60 ? 8  C   A C6    1 
ATOM   171 P  P     . C   A 1 9  ? 5.689   5.634   6.008   1.00 28.12 ? 9  C   A P     1 
ATOM   172 O  OP1   . C   A 1 9  ? 5.995   6.153   7.362   1.00 27.01 ? 9  C   A OP1   1 
ATOM   173 O  OP2   . C   A 1 9  ? 4.683   4.563   5.869   1.00 27.53 ? 9  C   A OP2   1 
ATOM   174 O  "O5'" . C   A 1 9  ? 5.304   6.877   5.075   1.00 28.79 ? 9  C   A "O5'" 1 
ATOM   175 C  "C5'" . C   A 1 9  ? 6.079   8.076   5.203   1.00 28.90 ? 9  C   A "C5'" 1 
ATOM   176 C  "C4'" . C   A 1 9  ? 5.402   9.268   4.567   1.00 28.61 ? 9  C   A "C4'" 1 
ATOM   177 O  "O4'" . C   A 1 9  ? 5.582   9.188   3.135   1.00 28.87 ? 9  C   A "O4'" 1 
ATOM   178 C  "C3'" . C   A 1 9  ? 3.903   9.300   4.775   1.00 28.20 ? 9  C   A "C3'" 1 
ATOM   179 O  "O3'" . C   A 1 9  ? 3.585   10.041  5.910   1.00 27.46 ? 9  C   A "O3'" 1 
ATOM   180 C  "C2'" . C   A 1 9  ? 3.440   10.055  3.552   1.00 28.79 ? 9  C   A "C2'" 1 
ATOM   181 O  "O2'" . C   A 1 9  ? 3.657   11.437  3.738   1.00 28.76 ? 9  C   A "O2'" 1 
ATOM   182 C  "C1'" . C   A 1 9  ? 4.353   9.462   2.489   1.00 29.32 ? 9  C   A "C1'" 1 
ATOM   183 N  N1    . C   A 1 9  ? 3.786   8.226   1.803   1.00 30.24 ? 9  C   A N1    1 
ATOM   184 C  C2    . C   A 1 9  ? 2.897   8.388   0.723   1.00 30.76 ? 9  C   A C2    1 
ATOM   185 O  O2    . C   A 1 9  ? 2.600   9.526   0.354   1.00 30.64 ? 9  C   A O2    1 
ATOM   186 N  N3    . C   A 1 9  ? 2.383   7.296   0.090   1.00 31.15 ? 9  C   A N3    1 
ATOM   187 C  C4    . C   A 1 9  ? 2.721   6.075   0.501   1.00 31.04 ? 9  C   A C4    1 
ATOM   188 N  N4    . C   A 1 9  ? 2.188   5.038   -0.144  1.00 30.66 ? 9  C   A N4    1 
ATOM   189 C  C5    . C   A 1 9  ? 3.619   5.875   1.598   1.00 31.38 ? 9  C   A C5    1 
ATOM   190 C  C6    . C   A 1 9  ? 4.122   6.961   2.209   1.00 30.55 ? 9  C   A C6    1 
ATOM   191 P  P     . C   A 1 10 ? 2.166   9.759   6.570   1.00 28.20 ? 10 C   A P     1 
ATOM   192 O  OP1   . C   A 1 10 ? 2.103   10.473  7.864   1.00 26.79 ? 10 C   A OP1   1 
ATOM   193 O  OP2   . C   A 1 10 ? 1.883   8.305   6.483   1.00 27.49 ? 10 C   A OP2   1 
ATOM   194 O  "O5'" . C   A 1 10 ? 1.172   10.444  5.533   1.00 28.29 ? 10 C   A "O5'" 1 
ATOM   195 C  "C5'" . C   A 1 10 ? 0.964   11.829  5.553   1.00 27.81 ? 10 C   A "C5'" 1 
ATOM   196 C  "C4'" . C   A 1 10 ? -0.232  12.123  4.689   1.00 27.43 ? 10 C   A "C4'" 1 
ATOM   197 O  "O4'" . C   A 1 10 ? 0.076   11.727  3.331   1.00 27.67 ? 10 C   A "O4'" 1 
ATOM   198 C  "C3'" . C   A 1 10 ? -1.468  11.314  5.028   1.00 26.65 ? 10 C   A "C3'" 1 
ATOM   199 O  "O3'" . C   A 1 10 ? -2.170  11.947  6.041   1.00 25.88 ? 10 C   A "O3'" 1 
ATOM   200 C  "C2'" . C   A 1 10 ? -2.213  11.462  3.717   1.00 27.25 ? 10 C   A "C2'" 1 
ATOM   201 O  "O2'" . C   A 1 10 ? -2.710  12.770  3.566   1.00 26.17 ? 10 C   A "O2'" 1 
ATOM   202 C  "C1'" . C   A 1 10 ? -1.099  11.221  2.719   1.00 27.69 ? 10 C   A "C1'" 1 
ATOM   203 N  N1    . C   A 1 10 ? -0.936  9.770   2.334   1.00 28.62 ? 10 C   A N1    1 
ATOM   204 C  C2    . C   A 1 10 ? -1.694  9.256   1.267   1.00 28.90 ? 10 C   A C2    1 
ATOM   205 O  O2    . C   A 1 10 ? -2.486  9.988   0.674   1.00 29.49 ? 10 C   A O2    1 
ATOM   206 N  N3    . C   A 1 10 ? -1.542  7.959   0.904   1.00 28.52 ? 10 C   A N3    1 
ATOM   207 C  C4    . C   A 1 10 ? -0.680  7.195   1.564   1.00 28.61 ? 10 C   A C4    1 
ATOM   208 N  N4    . C   A 1 10 ? -0.573  5.933   1.174   1.00 29.62 ? 10 C   A N4    1 
ATOM   209 C  C5    . C   A 1 10 ? 0.108   7.683   2.646   1.00 28.62 ? 10 C   A C5    1 
ATOM   210 C  C6    . C   A 1 10 ? -0.048  8.964   2.994   1.00 28.24 ? 10 C   A C6    1 
ATOM   211 P  P     . A   A 1 11 ? -3.366  11.202  6.793   1.00 27.69 ? 11 A   A P     1 
ATOM   212 O  OP1   . A   A 1 11 ? -4.026  12.176  7.701   1.00 27.13 ? 11 A   A OP1   1 
ATOM   213 O  OP2   . A   A 1 11 ? -2.846  9.935   7.341   1.00 27.34 ? 11 A   A OP2   1 
ATOM   214 O  "O5'" . A   A 1 11 ? -4.392  10.804  5.640   1.00 26.38 ? 11 A   A "O5'" 1 
ATOM   215 C  "C5'" . A   A 1 11 ? -5.345  11.731  5.207   1.00 25.76 ? 11 A   A "C5'" 1 
ATOM   216 C  "C4'" . A   A 1 11 ? -6.222  11.043  4.198   1.00 25.88 ? 11 A   A "C4'" 1 
ATOM   217 O  "O4'" . A   A 1 11 ? -5.474  10.668  3.012   1.00 26.52 ? 11 A   A "O4'" 1 
ATOM   218 C  "C3'" . A   A 1 11 ? -6.770  9.730   4.699   1.00 25.34 ? 11 A   A "C3'" 1 
ATOM   219 O  "O3'" . A   A 1 11 ? -7.820  10.016  5.559   1.00 24.02 ? 11 A   A "O3'" 1 
ATOM   220 C  "C2'" . A   A 1 11 ? -7.230  9.147   3.371   1.00 26.14 ? 11 A   A "C2'" 1 
ATOM   221 O  "O2'" . A   A 1 11 ? -8.400  9.751   2.868   1.00 26.09 ? 11 A   A "O2'" 1 
ATOM   222 C  "C1'" . A   A 1 11 ? -6.034  9.479   2.486   1.00 26.64 ? 11 A   A "C1'" 1 
ATOM   223 N  N9    . A   A 1 11 ? -5.105  8.351   2.509   1.00 26.67 ? 11 A   A N9    1 
ATOM   224 C  C8    . A   A 1 11 ? -3.997  8.179   3.288   1.00 26.85 ? 11 A   A C8    1 
ATOM   225 N  N7    . A   A 1 11 ? -3.387  7.031   3.082   1.00 27.76 ? 11 A   A N7    1 
ATOM   226 C  C5    . A   A 1 11 ? -4.151  6.405   2.109   1.00 27.09 ? 11 A   A C5    1 
ATOM   227 C  C6    . A   A 1 11 ? -4.046  5.167   1.445   1.00 26.08 ? 11 A   A C6    1 
ATOM   228 N  N6    . A   A 1 11 ? -3.086  4.293   1.690   1.00 26.37 ? 11 A   A N6    1 
ATOM   229 N  N1    . A   A 1 11 ? -4.968  4.838   0.522   1.00 25.76 ? 11 A   A N1    1 
ATOM   230 C  C2    . A   A 1 11 ? -5.945  5.713   0.277   1.00 26.08 ? 11 A   A C2    1 
ATOM   231 N  N3    . A   A 1 11 ? -6.159  6.909   0.832   1.00 26.71 ? 11 A   A N3    1 
ATOM   232 C  C4    . A   A 1 11 ? -5.218  7.204   1.750   1.00 27.14 ? 11 A   A C4    1 
ATOM   233 P  P     . G   A 1 12 ? -8.634  8.856   6.275   1.00 24.38 ? 12 G   A P     1 
ATOM   234 O  OP1   . G   A 1 12 ? -9.700  9.519   7.039   1.00 25.14 ? 12 G   A OP1   1 
ATOM   235 O  OP2   . G   A 1 12 ? -7.688  7.970   6.984   1.00 24.76 ? 12 G   A OP2   1 
ATOM   236 O  "O5'" . G   A 1 12 ? -9.303  8.023   5.098   1.00 22.58 ? 12 G   A "O5'" 1 
ATOM   237 C  "C5'" . G   A 1 12 ? -9.238  6.642   5.235   1.00 22.25 ? 12 G   A "C5'" 1 
ATOM   238 C  "C4'" . G   A 1 12 ? -9.854  5.980   4.040   1.00 23.28 ? 12 G   A "C4'" 1 
ATOM   239 O  "O4'" . G   A 1 12 ? -8.920  5.980   2.937   1.00 24.29 ? 12 G   A "O4'" 1 
ATOM   240 C  "C3'" . G   A 1 12 ? -10.145 4.524   4.299   1.00 23.37 ? 12 G   A "C3'" 1 
ATOM   241 O  "O3'" . G   A 1 12 ? -11.440 4.480   4.792   1.00 23.77 ? 12 G   A "O3'" 1 
ATOM   242 C  "C2'" . G   A 1 12 ? -10.057 3.949   2.902   1.00 23.63 ? 12 G   A "C2'" 1 
ATOM   243 O  "O2'" . G   A 1 12 ? -11.160 4.374   2.149   1.00 24.03 ? 12 G   A "O2'" 1 
ATOM   244 C  "C1'" . G   A 1 12 ? -8.835  4.680   2.398   1.00 24.25 ? 12 G   A "C1'" 1 
ATOM   245 N  N9    . G   A 1 12 ? -7.566  4.111   2.826   1.00 25.27 ? 12 G   A N9    1 
ATOM   246 C  C8    . G   A 1 12 ? -6.722  4.607   3.790   1.00 25.11 ? 12 G   A C8    1 
ATOM   247 N  N7    . G   A 1 12 ? -5.649  3.893   3.950   1.00 25.67 ? 12 G   A N7    1 
ATOM   248 C  C5    . G   A 1 12 ? -5.787  2.870   3.031   1.00 26.17 ? 12 G   A C5    1 
ATOM   249 C  C6    . G   A 1 12 ? -4.925  1.800   2.743   1.00 26.87 ? 12 G   A C6    1 
ATOM   250 O  O6    . G   A 1 12 ? -3.849  1.551   3.274   1.00 27.52 ? 12 G   A O6    1 
ATOM   251 N  N1    . G   A 1 12 ? -5.404  0.963   1.742   1.00 27.40 ? 12 G   A N1    1 
ATOM   252 C  C2    . G   A 1 12 ? -6.589  1.160   1.092   1.00 27.33 ? 12 G   A C2    1 
ATOM   253 N  N2    . G   A 1 12 ? -6.878  0.251   0.157   1.00 27.75 ? 12 G   A N2    1 
ATOM   254 N  N3    . G   A 1 12 ? -7.422  2.169   1.344   1.00 27.05 ? 12 G   A N3    1 
ATOM   255 C  C4    . G   A 1 12 ? -6.957  2.984   2.326   1.00 26.08 ? 12 G   A C4    1 
ATOM   256 P  P     . A   A 1 13 ? -11.944 3.228   5.633   1.00 24.18 ? 13 A   A P     1 
ATOM   257 O  OP1   . A   A 1 13 ? -13.384 3.405   5.929   1.00 24.87 ? 13 A   A OP1   1 
ATOM   258 O  OP2   . A   A 1 13 ? -11.014 3.035   6.756   1.00 23.63 ? 13 A   A OP2   1 
ATOM   259 O  "O5'" . A   A 1 13 ? -11.748 2.049   4.579   1.00 25.10 ? 13 A   A "O5'" 1 
ATOM   260 C  "C5'" . A   A 1 13 ? -12.797 1.197   4.269   1.00 26.74 ? 13 A   A "C5'" 1 
ATOM   261 C  "C4'" . A   A 1 13 ? -12.343 0.284   3.160   1.00 29.10 ? 13 A   A "C4'" 1 
ATOM   262 O  "O4'" . A   A 1 13 ? -11.149 0.799   2.528   1.00 29.46 ? 13 A   A "O4'" 1 
ATOM   263 C  "C3'" . A   A 1 13 ? -11.917 -1.071  3.668   1.00 30.37 ? 13 A   A "C3'" 1 
ATOM   264 O  "O3'" . A   A 1 13 ? -13.055 -1.851  3.825   1.00 32.29 ? 13 A   A "O3'" 1 
ATOM   265 C  "C2'" . A   A 1 13 ? -11.043 -1.567  2.538   1.00 30.33 ? 13 A   A "C2'" 1 
ATOM   266 O  "O2'" . A   A 1 13 ? -11.792 -1.967  1.416   1.00 30.19 ? 13 A   A "O2'" 1 
ATOM   267 C  "C1'" . A   A 1 13 ? -10.271 -0.281  2.278   1.00 30.54 ? 13 A   A "C1'" 1 
ATOM   268 N  N9    . A   A 1 13 ? -9.120  -0.155  3.166   1.00 30.87 ? 13 A   A N9    1 
ATOM   269 C  C8    . A   A 1 13 ? -8.920  0.762   4.154   1.00 30.79 ? 13 A   A C8    1 
ATOM   270 N  N7    . A   A 1 13 ? -7.781  0.632   4.782   1.00 30.99 ? 13 A   A N7    1 
ATOM   271 C  C5    . A   A 1 13 ? -7.192  -0.447  4.163   1.00 31.21 ? 13 A   A C5    1 
ATOM   272 C  C6    . A   A 1 13 ? -5.959  -1.094  4.358   1.00 31.36 ? 13 A   A C6    1 
ATOM   273 N  N6    . A   A 1 13 ? -5.082  -0.734  5.287   1.00 31.24 ? 13 A   A N6    1 
ATOM   274 N  N1    . A   A 1 13 ? -5.664  -2.143  3.570   1.00 32.12 ? 13 A   A N1    1 
ATOM   275 C  C2    . A   A 1 13 ? -6.559  -2.516  2.639   1.00 32.57 ? 13 A   A C2    1 
ATOM   276 N  N3    . A   A 1 13 ? -7.750  -1.986  2.352   1.00 31.87 ? 13 A   A N3    1 
ATOM   277 C  C4    . A   A 1 13 ? -8.004  -0.946  3.163   1.00 31.35 ? 13 A   A C4    1 
ATOM   278 P  P     . C   A 1 14 ? -13.337 -2.414  5.290   1.00 34.22 ? 14 C   A P     1 
ATOM   279 O  OP1   . C   A 1 14 ? -14.777 -2.753  5.357   1.00 33.85 ? 14 C   A OP1   1 
ATOM   280 O  OP2   . C   A 1 14 ? -12.733 -1.501  6.303   1.00 33.09 ? 14 C   A OP2   1 
ATOM   281 O  "O5'" . C   A 1 14 ? -12.490 -3.777  5.240   1.00 33.81 ? 14 C   A "O5'" 1 
ATOM   282 C  "C5'" . C   A 1 14 ? -12.561 -4.673  4.117   1.00 31.99 ? 14 C   A "C5'" 1 
ATOM   283 C  "C4'" . C   A 1 14 ? -11.224 -5.353  3.924   1.00 30.86 ? 14 C   A "C4'" 1 
ATOM   284 O  "O4'" . C   A 1 14 ? -10.186 -4.358  3.763   1.00 30.67 ? 14 C   A "O4'" 1 
ATOM   285 C  "C3'" . C   A 1 14 ? -10.734 -6.105  5.147   1.00 30.39 ? 14 C   A "C3'" 1 
ATOM   286 O  "O3'" . C   A 1 14 ? -11.395 -7.331  5.309   1.00 29.79 ? 14 C   A "O3'" 1 
ATOM   287 C  "C2'" . C   A 1 14 ? -9.252  -6.258  4.846   1.00 30.20 ? 14 C   A "C2'" 1 
ATOM   288 O  "O2'" . C   A 1 14 ? -8.966  -7.314  3.948   1.00 30.07 ? 14 C   A "O2'" 1 
ATOM   289 C  "C1'" . C   A 1 14 ? -8.961  -4.880  4.245   1.00 29.93 ? 14 C   A "C1'" 1 
ATOM   290 N  N1    . C   A 1 14 ? -8.362  -3.976  5.269   1.00 29.72 ? 14 C   A N1    1 
ATOM   291 C  C2    . C   A 1 14 ? -6.994  -4.114  5.546   1.00 30.60 ? 14 C   A C2    1 
ATOM   292 O  O2    . C   A 1 14 ? -6.346  -4.950  4.911   1.00 31.23 ? 14 C   A O2    1 
ATOM   293 N  N3    . C   A 1 14 ? -6.399  -3.323  6.485   1.00 30.11 ? 14 C   A N3    1 
ATOM   294 C  C4    . C   A 1 14 ? -7.128  -2.433  7.143   1.00 29.07 ? 14 C   A C4    1 
ATOM   295 N  N4    . C   A 1 14 ? -6.486  -1.697  8.043   1.00 28.82 ? 14 C   A N4    1 
ATOM   296 C  C5    . C   A 1 14 ? -8.528  -2.274  6.891   1.00 29.50 ? 14 C   A C5    1 
ATOM   297 C  C6    . C   A 1 14 ? -9.102  -3.056  5.958   1.00 29.52 ? 14 C   A C6    1 
ATOM   298 P  P     . G   A 1 15 ? -11.731 -7.782  6.802   1.00 29.54 ? 15 G   A P     1 
ATOM   299 O  OP1   . G   A 1 15 ? -12.664 -8.922  6.706   1.00 30.16 ? 15 G   A OP1   1 
ATOM   300 O  OP2   . G   A 1 15 ? -12.137 -6.618  7.611   1.00 28.61 ? 15 G   A OP2   1 
ATOM   301 O  "O5'" . G   A 1 15 ? -10.304 -8.293  7.315   1.00 29.57 ? 15 G   A "O5'" 1 
ATOM   302 C  "C5'" . G   A 1 15 ? -9.829  -9.559  6.852   1.00 29.34 ? 15 G   A "C5'" 1 
ATOM   303 C  "C4'" . G   A 1 15 ? -8.411  -9.844  7.301   1.00 28.66 ? 15 G   A "C4'" 1 
ATOM   304 O  "O4'" . G   A 1 15 ? -7.540  -8.762  6.895   1.00 28.55 ? 15 G   A "O4'" 1 
ATOM   305 C  "C3'" . G   A 1 15 ? -8.196  -9.894  8.799   1.00 28.24 ? 15 G   A "C3'" 1 
ATOM   306 O  "O3'" . G   A 1 15 ? -8.625  -11.125 9.320   1.00 28.22 ? 15 G   A "O3'" 1 
ATOM   307 C  "C2'" . G   A 1 15 ? -6.685  -9.700  8.880   1.00 28.09 ? 15 G   A "C2'" 1 
ATOM   308 O  "O2'" . G   A 1 15 ? -5.936  -10.819 8.451   1.00 27.32 ? 15 G   A "O2'" 1 
ATOM   309 C  "C1'" . G   A 1 15 ? -6.525  -8.575  7.869   1.00 27.80 ? 15 G   A "C1'" 1 
ATOM   310 N  N9    . G   A 1 15 ? -6.622  -7.206  8.399   1.00 27.20 ? 15 G   A N9    1 
ATOM   311 C  C8    . G   A 1 15 ? -7.667  -6.319  8.253   1.00 26.50 ? 15 G   A C8    1 
ATOM   312 N  N7    . G   A 1 15 ? -7.463  -5.165  8.823   1.00 25.94 ? 15 G   A N7    1 
ATOM   313 C  C5    . G   A 1 15 ? -6.199  -5.286  9.375   1.00 26.25 ? 15 G   A C5    1 
ATOM   314 C  C6    . G   A 1 15 ? -5.436  -4.352  10.112  1.00 26.75 ? 15 G   A C6    1 
ATOM   315 O  O6    . G   A 1 15 ? -5.737  -3.199  10.428  1.00 27.48 ? 15 G   A O6    1 
ATOM   316 N  N1    . G   A 1 15 ? -4.201  -4.857  10.495  1.00 26.92 ? 15 G   A N1    1 
ATOM   317 C  C2    . G   A 1 15 ? -3.765  -6.124  10.197  1.00 27.23 ? 15 G   A C2    1 
ATOM   318 N  N2    . G   A 1 15 ? -2.546  -6.435  10.647  1.00 27.77 ? 15 G   A N2    1 
ATOM   319 N  N3    . G   A 1 15 ? -4.462  -7.019  9.505   1.00 26.59 ? 15 G   A N3    1 
ATOM   320 C  C4    . G   A 1 15 ? -5.668  -6.531  9.126   1.00 26.55 ? 15 G   A C4    1 
ATOM   321 P  P     . A   A 1 16 ? -9.419  -11.130 10.709  1.00 29.02 ? 16 A   A P     1 
ATOM   322 O  OP1   . A   A 1 16 ? -10.212 -12.372 10.712  1.00 29.16 ? 16 A   A OP1   1 
ATOM   323 O  OP2   . A   A 1 16 ? -10.123 -9.842  10.908  1.00 28.74 ? 16 A   A OP2   1 
ATOM   324 O  "O5'" . A   A 1 16 ? -8.259  -11.268 11.807  1.00 28.40 ? 16 A   A "O5'" 1 
ATOM   325 C  "C5'" . A   A 1 16 ? -7.220  -12.239 11.635  1.00 27.59 ? 16 A   A "C5'" 1 
ATOM   326 C  "C4'" . A   A 1 16 ? -6.036  -11.980 12.552  1.00 27.22 ? 16 A   A "C4'" 1 
ATOM   327 O  "O4'" . A   A 1 16 ? -5.186  -10.956 11.972  1.00 27.54 ? 16 A   A "O4'" 1 
ATOM   328 C  "C3'" . A   A 1 16 ? -6.375  -11.452 13.939  1.00 26.39 ? 16 A   A "C3'" 1 
ATOM   329 O  "O3'" . A   A 1 16 ? -6.584  -12.500 14.835  1.00 25.37 ? 16 A   A "O3'" 1 
ATOM   330 C  "C2'" . A   A 1 16 ? -5.114  -10.699 14.325  1.00 27.00 ? 16 A   A "C2'" 1 
ATOM   331 O  "O2'" . A   A 1 16 ? -4.080  -11.525 14.820  1.00 27.65 ? 16 A   A "O2'" 1 
ATOM   332 C  "C1'" . A   A 1 16 ? -4.732  -10.083 12.991  1.00 27.51 ? 16 A   A "C1'" 1 
ATOM   333 N  N9    . A   A 1 16 ? -5.383  -8.784  12.894  1.00 27.89 ? 16 A   A N9    1 
ATOM   334 C  C8    . A   A 1 16 ? -6.531  -8.460  12.227  1.00 28.15 ? 16 A   A C8    1 
ATOM   335 N  N7    . A   A 1 16 ? -6.869  -7.197  12.350  1.00 28.61 ? 16 A   A N7    1 
ATOM   336 C  C5    . A   A 1 16 ? -5.883  -6.667  13.155  1.00 28.10 ? 16 A   A C5    1 
ATOM   337 C  C6    . A   A 1 16 ? -5.662  -5.375  13.653  1.00 28.25 ? 16 A   A C6    1 
ATOM   338 N  N6    . A   A 1 16 ? -6.478  -4.353  13.398  1.00 28.92 ? 16 A   A N6    1 
ATOM   339 N  N1    . A   A 1 16 ? -4.575  -5.173  14.429  1.00 28.33 ? 16 A   A N1    1 
ATOM   340 C  C2    . A   A 1 16 ? -3.763  -6.206  14.693  1.00 28.39 ? 16 A   A C2    1 
ATOM   341 N  N3    . A   A 1 16 ? -3.869  -7.468  14.280  1.00 28.28 ? 16 A   A N3    1 
ATOM   342 C  C4    . A   A 1 16 ? -4.959  -7.630  13.506  1.00 28.19 ? 16 A   A C4    1 
ATOM   343 P  P     . C   A 1 17 ? -7.806  -12.404 15.855  1.00 24.98 ? 17 C   A P     1 
ATOM   344 O  OP1   . C   A 1 17 ? -8.057  -13.778 16.328  1.00 24.98 ? 17 C   A OP1   1 
ATOM   345 O  OP2   . C   A 1 17 ? -8.870  -11.636 15.171  1.00 25.41 ? 17 C   A OP2   1 
ATOM   346 O  "O5'" . C   A 1 17 ? -7.298  -11.520 17.096  1.00 23.97 ? 17 C   A "O5'" 1 
ATOM   347 C  "C5'" . C   A 1 17 ? -6.137  -11.850 17.853  1.00 21.60 ? 17 C   A "C5'" 1 
ATOM   348 C  "C4'" . C   A 1 17 ? -5.526  -10.591 18.443  1.00 20.34 ? 17 C   A "C4'" 1 
ATOM   349 O  "O4'" . C   A 1 17 ? -5.232  -9.650  17.380  1.00 20.84 ? 17 C   A "O4'" 1 
ATOM   350 C  "C3'" . C   A 1 17 ? -6.433  -9.777  19.345  1.00 19.34 ? 17 C   A "C3'" 1 
ATOM   351 O  "O3'" . C   A 1 17 ? -6.499  -10.317 20.646  1.00 17.29 ? 17 C   A "O3'" 1 
ATOM   352 C  "C2'" . C   A 1 17 ? -5.724  -8.428  19.321  1.00 20.04 ? 17 C   A "C2'" 1 
ATOM   353 O  "O2'" . C   A 1 17 ? -4.579  -8.385  20.148  1.00 20.29 ? 17 C   A "O2'" 1 
ATOM   354 C  "C1'" . C   A 1 17 ? -5.332  -8.318  17.850  1.00 20.65 ? 17 C   A "C1'" 1 
ATOM   355 N  N1    . C   A 1 17 ? -6.359  -7.529  17.084  1.00 21.35 ? 17 C   A N1    1 
ATOM   356 C  C2    . C   A 1 17 ? -6.338  -6.118  17.135  1.00 21.84 ? 17 C   A C2    1 
ATOM   357 O  O2    . C   A 1 17 ? -5.456  -5.555  17.791  1.00 22.61 ? 17 C   A O2    1 
ATOM   358 N  N3    . C   A 1 17 ? -7.282  -5.393  16.468  1.00 21.11 ? 17 C   A N3    1 
ATOM   359 C  C4    . C   A 1 17 ? -8.218  -6.030  15.769  1.00 21.33 ? 17 C   A C4    1 
ATOM   360 N  N4    . C   A 1 17 ? -9.118  -5.297  15.125  1.00 21.83 ? 17 C   A N4    1 
ATOM   361 C  C5    . C   A 1 17 ? -8.267  -7.457  15.699  1.00 22.07 ? 17 C   A C5    1 
ATOM   362 C  C6    . C   A 1 17 ? -7.336  -8.162  16.364  1.00 21.75 ? 17 C   A C6    1 
ATOM   363 P  P     . C   A 1 18 ? -7.780  -9.981  21.544  1.00 16.51 ? 18 C   A P     1 
ATOM   364 O  OP1   . C   A 1 18 ? -7.784  -10.914 22.692  1.00 16.58 ? 18 C   A OP1   1 
ATOM   365 O  OP2   . C   A 1 18 ? -8.954  -9.889  20.646  1.00 15.77 ? 18 C   A OP2   1 
ATOM   366 O  "O5'" . C   A 1 18 ? -7.488  -8.510  22.103  1.00 15.71 ? 18 C   A "O5'" 1 
ATOM   367 C  "C5'" . C   A 1 18 ? -6.492  -8.320  23.086  1.00 14.26 ? 18 C   A "C5'" 1 
ATOM   368 C  "C4'" . C   A 1 18 ? -6.322  -6.860  23.443  1.00 13.70 ? 18 C   A "C4'" 1 
ATOM   369 O  "O4'" . C   A 1 18 ? -5.928  -6.090  22.283  1.00 13.96 ? 18 C   A "O4'" 1 
ATOM   370 C  "C3'" . C   A 1 18 ? -7.577  -6.157  23.903  1.00 13.86 ? 18 C   A "C3'" 1 
ATOM   371 O  "O3'" . C   A 1 18 ? -7.856  -6.509  25.237  1.00 13.49 ? 18 C   A "O3'" 1 
ATOM   372 C  "C2'" . C   A 1 18 ? -7.145  -4.705  23.716  1.00 13.99 ? 18 C   A "C2'" 1 
ATOM   373 O  "O2'" . C   A 1 18 ? -6.160  -4.268  24.613  1.00 15.27 ? 18 C   A "O2'" 1 
ATOM   374 C  "C1'" . C   A 1 18 ? -6.466  -4.786  22.370  1.00 13.88 ? 18 C   A "C1'" 1 
ATOM   375 N  N1    . C   A 1 18 ? -7.452  -4.547  21.301  1.00 15.05 ? 18 C   A N1    1 
ATOM   376 C  C2    . C   A 1 18 ? -7.839  -3.226  21.034  1.00 16.15 ? 18 C   A C2    1 
ATOM   377 O  O2    . C   A 1 18 ? -7.348  -2.317  21.703  1.00 18.44 ? 18 C   A O2    1 
ATOM   378 N  N3    . C   A 1 18 ? -8.751  -2.976  20.066  1.00 15.14 ? 18 C   A N3    1 
ATOM   379 C  C4    . C   A 1 18 ? -9.256  -4.009  19.395  1.00 15.31 ? 18 C   A C4    1 
ATOM   380 N  N4    . C   A 1 18 ? -10.141 -3.743  18.454  1.00 16.26 ? 18 C   A N4    1 
ATOM   381 C  C5    . C   A 1 18 ? -8.889  -5.367  19.634  1.00 15.05 ? 18 C   A C5    1 
ATOM   382 C  C6    . C   A 1 18 ? -7.987  -5.589  20.592  1.00 14.98 ? 18 C   A C6    1 
ATOM   383 O  "O5'" . G   B 2 1  ? 0.231   6.149   -19.903 1.00 27.02 ? 1  G   B "O5'" 1 
ATOM   384 C  "C5'" . G   B 2 1  ? 0.339   6.352   -21.283 1.00 25.44 ? 1  G   B "C5'" 1 
ATOM   385 C  "C4'" . G   B 2 1  ? 0.150   4.998   -21.907 1.00 25.89 ? 1  G   B "C4'" 1 
ATOM   386 O  "O4'" . G   B 2 1  ? 1.249   4.723   -22.798 1.00 26.25 ? 1  G   B "O4'" 1 
ATOM   387 C  "C3'" . G   B 2 1  ? 0.146   3.832   -20.929 1.00 25.19 ? 1  G   B "C3'" 1 
ATOM   388 O  "O3'" . G   B 2 1  ? -1.149  3.688   -20.391 1.00 24.73 ? 1  G   B "O3'" 1 
ATOM   389 C  "C2'" . G   B 2 1  ? 0.485   2.704   -21.883 1.00 26.01 ? 1  G   B "C2'" 1 
ATOM   390 O  "O2'" . G   B 2 1  ? -0.578  2.383   -22.766 1.00 27.03 ? 1  G   B "O2'" 1 
ATOM   391 C  "C1'" . G   B 2 1  ? 1.623   3.370   -22.646 1.00 26.29 ? 1  G   B "C1'" 1 
ATOM   392 N  N9    . G   B 2 1  ? 2.887   3.303   -21.917 1.00 26.42 ? 1  G   B N9    1 
ATOM   393 C  C8    . G   B 2 1  ? 3.533   4.330   -21.278 1.00 26.06 ? 1  G   B C8    1 
ATOM   394 N  N7    . G   B 2 1  ? 4.646   3.959   -20.705 1.00 26.47 ? 1  G   B N7    1 
ATOM   395 C  C5    . G   B 2 1  ? 4.743   2.603   -20.977 1.00 26.31 ? 1  G   B C5    1 
ATOM   396 C  C6    . G   B 2 1  ? 5.736   1.665   -20.611 1.00 25.96 ? 1  G   B C6    1 
ATOM   397 O  O6    . G   B 2 1  ? 6.758   1.876   -19.954 1.00 26.68 ? 1  G   B O6    1 
ATOM   398 N  N1    . G   B 2 1  ? 5.466   0.386   -21.084 1.00 25.36 ? 1  G   B N1    1 
ATOM   399 C  C2    . G   B 2 1  ? 4.358   0.063   -21.827 1.00 25.19 ? 1  G   B C2    1 
ATOM   400 N  N2    . G   B 2 1  ? 4.245   -1.208  -22.212 1.00 24.68 ? 1  G   B N2    1 
ATOM   401 N  N3    . G   B 2 1  ? 3.420   0.927   -22.182 1.00 25.46 ? 1  G   B N3    1 
ATOM   402 C  C4    . G   B 2 1  ? 3.668   2.179   -21.724 1.00 26.27 ? 1  G   B C4    1 
ATOM   403 P  P     . G   B 2 2  ? -1.430  3.032   -18.953 1.00 24.61 ? 2  G   B P     1 
ATOM   404 O  OP1   . G   B 2 2  ? -2.895  3.057   -18.734 1.00 24.17 ? 2  G   B OP1   1 
ATOM   405 O  OP2   . G   B 2 2  ? -0.546  3.647   -17.937 1.00 21.60 ? 2  G   B OP2   1 
ATOM   406 O  "O5'" . G   B 2 2  ? -1.022  1.514   -19.217 1.00 22.81 ? 2  G   B "O5'" 1 
ATOM   407 C  "C5'" . G   B 2 2  ? -1.928  0.700   -19.887 1.00 22.49 ? 2  G   B "C5'" 1 
ATOM   408 C  "C4'" . G   B 2 2  ? -1.331  -0.673  -19.970 1.00 23.79 ? 2  G   B "C4'" 1 
ATOM   409 O  "O4'" . G   B 2 2  ? -0.042  -0.568  -20.619 1.00 25.43 ? 2  G   B "O4'" 1 
ATOM   410 C  "C3'" . G   B 2 2  ? -1.007  -1.334  -18.649 1.00 23.43 ? 2  G   B "C3'" 1 
ATOM   411 O  "O3'" . G   B 2 2  ? -2.138  -1.988  -18.170 1.00 22.90 ? 2  G   B "O3'" 1 
ATOM   412 C  "C2'" . G   B 2 2  ? -0.033  -2.377  -19.148 1.00 24.62 ? 2  G   B "C2'" 1 
ATOM   413 O  "O2'" . G   B 2 2  ? -0.710  -3.388  -19.858 1.00 25.22 ? 2  G   B "O2'" 1 
ATOM   414 C  "C1'" . G   B 2 2  ? 0.820   -1.561  -20.100 1.00 25.17 ? 2  G   B "C1'" 1 
ATOM   415 N  N9    . G   B 2 2  ? 1.944   -0.944  -19.409 1.00 25.97 ? 2  G   B N9    1 
ATOM   416 C  C8    . G   B 2 2  ? 2.098   0.386   -19.114 1.00 26.65 ? 2  G   B C8    1 
ATOM   417 N  N7    . G   B 2 2  ? 3.205   0.655   -18.481 1.00 27.76 ? 2  G   B N7    1 
ATOM   418 C  C5    . G   B 2 2  ? 3.828   -0.579  -18.352 1.00 27.20 ? 2  G   B C5    1 
ATOM   419 C  C6    . G   B 2 2  ? 5.059   -0.912  -17.746 1.00 27.03 ? 2  G   B C6    1 
ATOM   420 O  O6    . G   B 2 2  ? 5.849   -0.131  -17.196 1.00 28.23 ? 2  G   B O6    1 
ATOM   421 N  N1    . G   B 2 2  ? 5.331   -2.280  -17.816 1.00 26.05 ? 2  G   B N1    1 
ATOM   422 C  C2    . G   B 2 2  ? 4.502   -3.203  -18.403 1.00 25.38 ? 2  G   B C2    1 
ATOM   423 N  N2    . G   B 2 2  ? 4.901   -4.474  -18.393 1.00 25.17 ? 2  G   B N2    1 
ATOM   424 N  N3    . G   B 2 2  ? 3.347   -2.905  -18.971 1.00 26.09 ? 2  G   B N3    1 
ATOM   425 C  C4    . G   B 2 2  ? 3.066   -1.577  -18.912 1.00 26.63 ? 2  G   B C4    1 
ATOM   426 P  P     . A   B 2 3  ? -2.233  -2.416  -16.636 1.00 23.42 ? 3  A   B P     1 
ATOM   427 O  OP1   . A   B 2 3  ? -3.609  -2.870  -16.340 1.00 23.43 ? 3  A   B OP1   1 
ATOM   428 O  OP2   . A   B 2 3  ? -1.649  -1.326  -15.843 1.00 22.96 ? 3  A   B OP2   1 
ATOM   429 O  "O5'" . A   B 2 3  ? -1.243  -3.664  -16.544 1.00 23.88 ? 3  A   B "O5'" 1 
ATOM   430 C  "C5'" . A   B 2 3  ? -1.623  -4.941  -16.987 1.00 24.24 ? 3  A   B "C5'" 1 
ATOM   431 C  "C4'" . A   B 2 3  ? -0.590  -5.927  -16.501 1.00 25.76 ? 3  A   B "C4'" 1 
ATOM   432 O  "O4'" . A   B 2 3  ? 0.684   -5.638  -17.116 1.00 26.95 ? 3  A   B "O4'" 1 
ATOM   433 C  "C3'" . A   B 2 3  ? -0.275  -5.813  -15.024 1.00 26.57 ? 3  A   B "C3'" 1 
ATOM   434 O  "O3'" . A   B 2 3  ? -1.247  -6.509  -14.284 1.00 26.93 ? 3  A   B "O3'" 1 
ATOM   435 C  "C2'" . A   B 2 3  ? 1.082   -6.491  -14.973 1.00 26.79 ? 3  A   B "C2'" 1 
ATOM   436 O  "O2'" . A   B 2 3  ? 0.997   -7.884  -15.170 1.00 27.05 ? 3  A   B "O2'" 1 
ATOM   437 C  "C1'" . A   B 2 3  ? 1.721   -5.836  -16.179 1.00 27.39 ? 3  A   B "C1'" 1 
ATOM   438 N  N9    . A   B 2 3  ? 2.325   -4.566  -15.809 1.00 28.75 ? 3  A   B N9    1 
ATOM   439 C  C8    . A   B 2 3  ? 1.863   -3.294  -16.024 1.00 29.08 ? 3  A   B C8    1 
ATOM   440 N  N7    . A   B 2 3  ? 2.654   -2.356  -15.554 1.00 30.08 ? 3  A   B N7    1 
ATOM   441 C  C5    . A   B 2 3  ? 3.702   -3.072  -14.990 1.00 30.41 ? 3  A   B C5    1 
ATOM   442 C  C6    . A   B 2 3  ? 4.880   -2.687  -14.323 1.00 30.26 ? 3  A   B C6    1 
ATOM   443 N  N6    . A   B 2 3  ? 5.203   -1.420  -14.110 1.00 30.81 ? 3  A   B N6    1 
ATOM   444 N  N1    . A   B 2 3  ? 5.720   -3.646  -13.882 1.00 30.87 ? 3  A   B N1    1 
ATOM   445 C  C2    . A   B 2 3  ? 5.409   -4.931  -14.101 1.00 31.20 ? 3  A   B C2    1 
ATOM   446 N  N3    . A   B 2 3  ? 4.333   -5.427  -14.717 1.00 31.08 ? 3  A   B N3    1 
ATOM   447 C  C4    . A   B 2 3  ? 3.514   -4.435  -15.138 1.00 30.42 ? 3  A   B C4    1 
ATOM   448 P  P     . G   B 2 4  ? -1.569  -6.074  -12.786 1.00 26.06 ? 4  G   B P     1 
ATOM   449 O  OP1   . G   B 2 4  ? -2.612  -7.007  -12.308 1.00 25.81 ? 4  G   B OP1   1 
ATOM   450 O  OP2   . G   B 2 4  ? -1.815  -4.619  -12.779 1.00 26.88 ? 4  G   B OP2   1 
ATOM   451 O  "O5'" . G   B 2 4  ? -0.191  -6.289  -11.992 1.00 24.97 ? 4  G   B "O5'" 1 
ATOM   452 C  "C5'" . G   B 2 4  ? 0.215   -7.576  -11.579 1.00 23.04 ? 4  G   B "C5'" 1 
ATOM   453 C  "C4'" . G   B 2 4  ? 1.500   -7.449  -10.801 1.00 22.38 ? 4  G   B "C4'" 1 
ATOM   454 O  "O4'" . G   B 2 4  ? 2.466   -6.695  -11.555 1.00 22.50 ? 4  G   B "O4'" 1 
ATOM   455 C  "C3'" . G   B 2 4  ? 1.415   -6.613  -9.548  1.00 22.09 ? 4  G   B "C3'" 1 
ATOM   456 O  "O3'" . G   B 2 4  ? 0.784   -7.351  -8.544  1.00 21.65 ? 4  G   B "O3'" 1 
ATOM   457 C  "C2'" . G   B 2 4  ? 2.893   -6.434  -9.250  1.00 22.32 ? 4  G   B "C2'" 1 
ATOM   458 O  "O2'" . G   B 2 4  ? 3.474   -7.595  -8.696  1.00 23.55 ? 4  G   B "O2'" 1 
ATOM   459 C  "C1'" . G   B 2 4  ? 3.431   -6.209  -10.650 1.00 22.43 ? 4  G   B "C1'" 1 
ATOM   460 N  N9    . G   B 2 4  ? 3.586   -4.796  -10.894 1.00 22.43 ? 4  G   B N9    1 
ATOM   461 C  C8    . G   B 2 4  ? 2.691   -3.971  -11.506 1.00 22.54 ? 4  G   B C8    1 
ATOM   462 N  N7    . G   B 2 4  ? 3.104   -2.741  -11.575 1.00 23.12 ? 4  G   B N7    1 
ATOM   463 C  C5    . G   B 2 4  ? 4.348   -2.765  -10.977 1.00 22.81 ? 4  G   B C5    1 
ATOM   464 C  C6    . G   B 2 4  ? 5.268   -1.718  -10.772 1.00 23.41 ? 4  G   B C6    1 
ATOM   465 O  O6    . G   B 2 4  ? 5.140   -0.526  -11.083 1.00 23.57 ? 4  G   B O6    1 
ATOM   466 N  N1    . G   B 2 4  ? 6.420   -2.150  -10.123 1.00 23.28 ? 4  G   B N1    1 
ATOM   467 C  C2    . G   B 2 4  ? 6.633   -3.444  -9.730  1.00 23.28 ? 4  G   B C2    1 
ATOM   468 N  N2    . G   B 2 4  ? 7.799   -3.671  -9.129  1.00 23.88 ? 4  G   B N2    1 
ATOM   469 N  N3    . G   B 2 4  ? 5.782   -4.443  -9.917  1.00 23.22 ? 4  G   B N3    1 
ATOM   470 C  C4    . G   B 2 4  ? 4.660   -4.023  -10.545 1.00 22.77 ? 4  G   B C4    1 
ATOM   471 P  P     . C   B 2 5  ? 0.048   -6.616  -7.336  1.00 21.08 ? 5  C   B P     1 
ATOM   472 O  OP1   . C   B 2 5  ? -0.621  -7.691  -6.575  1.00 20.96 ? 5  C   B OP1   1 
ATOM   473 O  OP2   . C   B 2 5  ? -0.775  -5.496  -7.830  1.00 20.26 ? 5  C   B OP2   1 
ATOM   474 O  "O5'" . C   B 2 5  ? 1.270   -6.010  -6.495  1.00 21.25 ? 5  C   B "O5'" 1 
ATOM   475 C  "C5'" . C   B 2 5  ? 1.695   -6.648  -5.310  1.00 21.36 ? 5  C   B "C5'" 1 
ATOM   476 C  "C4'" . C   B 2 5  ? 2.866   -5.906  -4.727  1.00 22.01 ? 5  C   B "C4'" 1 
ATOM   477 O  "O4'" . C   B 2 5  ? 3.695   -5.424  -5.804  1.00 22.49 ? 5  C   B "O4'" 1 
ATOM   478 C  "C3'" . C   B 2 5  ? 2.545   -4.635  -3.967  1.00 22.40 ? 5  C   B "C3'" 1 
ATOM   479 O  "O3'" . C   B 2 5  ? 2.051   -4.952  -2.686  1.00 22.46 ? 5  C   B "O3'" 1 
ATOM   480 C  "C2'" . C   B 2 5  ? 3.947   -4.043  -3.903  1.00 22.95 ? 5  C   B "C2'" 1 
ATOM   481 O  "O2'" . C   B 2 5  ? 4.798   -4.663  -2.954  1.00 24.02 ? 5  C   B "O2'" 1 
ATOM   482 C  "C1'" . C   B 2 5  ? 4.460   -4.348  -5.310  1.00 23.13 ? 5  C   B "C1'" 1 
ATOM   483 N  N1    . C   B 2 5  ? 4.330   -3.169  -6.213  1.00 24.21 ? 5  C   B N1    1 
ATOM   484 C  C2    . C   B 2 5  ? 5.306   -2.165  -6.150  1.00 24.58 ? 5  C   B C2    1 
ATOM   485 O  O2    . C   B 2 5  ? 6.248   -2.293  -5.360  1.00 25.26 ? 5  C   B O2    1 
ATOM   486 N  N3    . C   B 2 5  ? 5.199   -1.077  -6.951  1.00 23.69 ? 5  C   B N3    1 
ATOM   487 C  C4    . C   B 2 5  ? 4.169   -0.979  -7.778  1.00 23.32 ? 5  C   B C4    1 
ATOM   488 N  N4    . C   B 2 5  ? 4.115   0.105   -8.542  1.00 24.47 ? 5  C   B N4    1 
ATOM   489 C  C5    . C   B 2 5  ? 3.156   -1.974  -7.864  1.00 24.01 ? 5  C   B C5    1 
ATOM   490 C  C6    . C   B 2 5  ? 3.272   -3.046  -7.070  1.00 24.55 ? 5  C   B C6    1 
ATOM   491 P  P     . C   B 2 6  ? 0.599   -4.487  -2.212  1.00 22.89 ? 6  C   B P     1 
ATOM   492 O  OP1   . C   B 2 6  ? 0.553   -3.014  -2.276  1.00 24.18 ? 6  C   B OP1   1 
ATOM   493 O  OP2   . C   B 2 6  ? 0.270   -5.160  -0.942  1.00 22.72 ? 6  C   B OP2   1 
ATOM   494 O  "O5'" . C   B 2 6  ? -0.382  -5.101  -3.300  1.00 22.54 ? 6  C   B "O5'" 1 
ATOM   495 C  "C5'" . C   B 2 6  ? -1.384  -4.280  -3.831  1.00 22.25 ? 6  C   B "C5'" 1 
ATOM   496 C  "C4'" . C   B 2 6  ? -2.799  -4.649  -3.423  1.00 22.16 ? 6  C   B "C4'" 1 
ATOM   497 O  "O4'" . C   B 2 6  ? -2.946  -4.939  -2.017  1.00 22.51 ? 6  C   B "O4'" 1 
ATOM   498 C  "C3'" . C   B 2 6  ? -3.705  -3.469  -3.660  1.00 22.28 ? 6  C   B "C3'" 1 
ATOM   499 O  "O3'" . C   B 2 6  ? -4.203  -3.624  -4.938  1.00 21.86 ? 6  C   B "O3'" 1 
ATOM   500 C  "C2'" . C   B 2 6  ? -4.794  -3.577  -2.617  1.00 22.83 ? 6  C   B "C2'" 1 
ATOM   501 O  "O2'" . C   B 2 6  ? -5.856  -4.410  -3.014  1.00 24.39 ? 6  C   B "O2'" 1 
ATOM   502 C  "C1'" . C   B 2 6  ? -4.023  -4.195  -1.462  1.00 22.92 ? 6  C   B "C1'" 1 
ATOM   503 N  N1    . C   B 2 6  ? -3.490  -3.160  -0.514  1.00 23.47 ? 6  C   B N1    1 
ATOM   504 C  C2    . C   B 2 6  ? -4.314  -2.149  0.018   1.00 24.02 ? 6  C   B C2    1 
ATOM   505 O  O2    . C   B 2 6  ? -5.502  -2.101  -0.295  1.00 25.52 ? 6  C   B O2    1 
ATOM   506 N  N3    . C   B 2 6  ? -3.792  -1.225  0.867   1.00 23.90 ? 6  C   B N3    1 
ATOM   507 C  C4    . C   B 2 6  ? -2.498  -1.299  1.188   1.00 24.14 ? 6  C   B C4    1 
ATOM   508 N  N4    . C   B 2 6  ? -2.002  -0.399  2.028   1.00 24.42 ? 6  C   B N4    1 
ATOM   509 C  C5    . C   B 2 6  ? -1.638  -2.308  0.668   1.00 24.09 ? 6  C   B C5    1 
ATOM   510 C  C6    . C   B 2 6  ? -2.168  -3.205  -0.169  1.00 23.90 ? 6  C   B C6    1 
ATOM   511 P  P     . U   B 2 7  ? -3.734  -2.530  -5.982  1.00 21.69 ? 7  U   B P     1 
ATOM   512 O  OP1   . U   B 2 7  ? -4.007  -3.065  -7.338  1.00 22.14 ? 7  U   B OP1   1 
ATOM   513 O  OP2   . U   B 2 7  ? -2.373  -2.100  -5.642  1.00 20.90 ? 7  U   B OP2   1 
ATOM   514 O  "O5'" . U   B 2 7  ? -4.728  -1.329  -5.594  1.00 21.84 ? 7  U   B "O5'" 1 
ATOM   515 C  "C5'" . U   B 2 7  ? -6.101  -1.513  -5.881  1.00 22.22 ? 7  U   B "C5'" 1 
ATOM   516 C  "C4'" . U   B 2 7  ? -6.936  -0.333  -5.461  1.00 22.65 ? 7  U   B "C4'" 1 
ATOM   517 O  "O4'" . U   B 2 7  ? -7.065  -0.331  -4.022  1.00 23.97 ? 7  U   B "O4'" 1 
ATOM   518 C  "C3'" . U   B 2 7  ? -6.349  1.022   -5.782  1.00 22.95 ? 7  U   B "C3'" 1 
ATOM   519 O  "O3'" . U   B 2 7  ? -6.656  1.351   -7.108  1.00 22.65 ? 7  U   B "O3'" 1 
ATOM   520 C  "C2'" . U   B 2 7  ? -7.113  1.890   -4.797  1.00 23.54 ? 7  U   B "C2'" 1 
ATOM   521 O  "O2'" . U   B 2 7  ? -8.450  2.098   -5.187  1.00 24.71 ? 7  U   B "O2'" 1 
ATOM   522 C  "C1'" . U   B 2 7  ? -7.098  1.008   -3.558  1.00 24.34 ? 7  U   B "C1'" 1 
ATOM   523 N  N1    . U   B 2 7  ? -5.915  1.285   -2.685  1.00 25.50 ? 7  U   B N1    1 
ATOM   524 C  C2    . U   B 2 7  ? -5.880  2.456   -1.965  1.00 26.12 ? 7  U   B C2    1 
ATOM   525 O  O2    . U   B 2 7  ? -6.778  3.271   -2.009  1.00 27.89 ? 7  U   B O2    1 
ATOM   526 N  N3    . U   B 2 7  ? -4.761  2.644   -1.195  1.00 25.76 ? 7  U   B N3    1 
ATOM   527 C  C4    . U   B 2 7  ? -3.690  1.786   -1.080  1.00 26.00 ? 7  U   B C4    1 
ATOM   528 O  O4    . U   B 2 7  ? -2.742  2.069   -0.359  1.00 26.37 ? 7  U   B O4    1 
ATOM   529 C  C5    . U   B 2 7  ? -3.793  0.586   -1.860  1.00 26.34 ? 7  U   B C5    1 
ATOM   530 C  C6    . U   B 2 7  ? -4.873  0.382   -2.618  1.00 26.15 ? 7  U   B C6    1 
ATOM   531 P  P     . G   B 2 8  ? -5.550  2.058   -8.014  1.00 22.90 ? 8  G   B P     1 
ATOM   532 O  OP1   . G   B 2 8  ? -5.919  1.842   -9.434  1.00 22.14 ? 8  G   B OP1   1 
ATOM   533 O  OP2   . G   B 2 8  ? -4.227  1.604   -7.539  1.00 21.79 ? 8  G   B OP2   1 
ATOM   534 O  "O5'" . G   B 2 8  ? -5.699  3.610   -7.625  1.00 23.57 ? 8  G   B "O5'" 1 
ATOM   535 C  "C5'" . G   B 2 8  ? -6.828  4.383   -8.032  1.00 25.12 ? 8  G   B "C5'" 1 
ATOM   536 C  "C4'" . G   B 2 8  ? -6.773  5.788   -7.460  1.00 26.59 ? 8  G   B "C4'" 1 
ATOM   537 O  "O4'" . G   B 2 8  ? -7.050  5.732   -6.044  1.00 27.56 ? 8  G   B "O4'" 1 
ATOM   538 C  "C3'" . G   B 2 8  ? -5.424  6.484   -7.513  1.00 27.12 ? 8  G   B "C3'" 1 
ATOM   539 O  "O3'" . G   B 2 8  ? -5.244  7.103   -8.752  1.00 26.76 ? 8  G   B "O3'" 1 
ATOM   540 C  "C2'" . G   B 2 8  ? -5.569  7.516   -6.408  1.00 27.82 ? 8  G   B "C2'" 1 
ATOM   541 O  "O2'" . G   B 2 8  ? -6.397  8.587   -6.784  1.00 28.90 ? 8  G   B "O2'" 1 
ATOM   542 C  "C1'" . G   B 2 8  ? -6.281  6.691   -5.352  1.00 28.36 ? 8  G   B "C1'" 1 
ATOM   543 N  N9    . G   B 2 8  ? -5.341  5.998   -4.481  1.00 29.80 ? 8  G   B N9    1 
ATOM   544 C  C8    . G   B 2 8  ? -4.953  4.686   -4.562  1.00 30.47 ? 8  G   B C8    1 
ATOM   545 N  N7    . G   B 2 8  ? -4.086  4.351   -3.645  1.00 31.60 ? 8  G   B N7    1 
ATOM   546 C  C5    . G   B 2 8  ? -3.890  5.507   -2.910  1.00 30.65 ? 8  G   B C5    1 
ATOM   547 C  C6    . G   B 2 8  ? -3.063  5.738   -1.796  1.00 31.15 ? 8  G   B C6    1 
ATOM   548 O  O6    . G   B 2 8  ? -2.316  4.935   -1.223  1.00 31.89 ? 8  G   B O6    1 
ATOM   549 N  N1    . G   B 2 8  ? -3.157  7.053   -1.350  1.00 31.67 ? 8  G   B N1    1 
ATOM   550 C  C2    . G   B 2 8  ? -3.952  8.025   -1.917  1.00 30.87 ? 8  G   B C2    1 
ATOM   551 N  N2    . G   B 2 8  ? -3.931  9.247   -1.363  1.00 30.22 ? 8  G   B N2    1 
ATOM   552 N  N3    . G   B 2 8  ? -4.723  7.808   -2.969  1.00 30.55 ? 8  G   B N3    1 
ATOM   553 C  C4    . G   B 2 8  ? -4.647  6.532   -3.413  1.00 30.28 ? 8  G   B C4    1 
ATOM   554 P  P     . G   B 2 9  ? -3.790  7.123   -9.420  1.00 26.99 ? 9  G   B P     1 
ATOM   555 O  OP1   . G   B 2 9  ? -4.013  7.446   -10.835 1.00 27.37 ? 9  G   B OP1   1 
ATOM   556 O  OP2   . G   B 2 9  ? -3.004  5.926   -9.044  1.00 26.80 ? 9  G   B OP2   1 
ATOM   557 O  "O5'" . G   B 2 9  ? -3.065  8.362   -8.728  1.00 27.69 ? 9  G   B "O5'" 1 
ATOM   558 C  "C5'" . G   B 2 9  ? -3.592  9.669   -8.844  1.00 28.24 ? 9  G   B "C5'" 1 
ATOM   559 C  "C4'" . G   B 2 9  ? -2.891  10.528  -7.827  1.00 28.37 ? 9  G   B "C4'" 1 
ATOM   560 O  "O4'" . G   B 2 9  ? -3.319  10.143  -6.496  1.00 29.01 ? 9  G   B "O4'" 1 
ATOM   561 C  "C3'" . G   B 2 9  ? -1.402  10.295  -7.755  1.00 28.06 ? 9  G   B "C3'" 1 
ATOM   562 O  "O3'" . G   B 2 9  ? -0.764  10.924  -8.829  1.00 28.19 ? 9  G   B "O3'" 1 
ATOM   563 C  "C2'" . G   B 2 9  ? -1.130  10.962  -6.421  1.00 27.86 ? 9  G   B "C2'" 1 
ATOM   564 O  "O2'" . G   B 2 9  ? -1.249  12.364  -6.536  1.00 27.86 ? 9  G   B "O2'" 1 
ATOM   565 C  "C1'" . G   B 2 9  ? -2.257  10.350  -5.593  1.00 28.09 ? 9  G   B "C1'" 1 
ATOM   566 N  N9    . G   B 2 9  ? -1.847  9.067   -5.053  1.00 27.97 ? 9  G   B N9    1 
ATOM   567 C  C8    . G   B 2 9  ? -2.121  7.816   -5.535  1.00 28.57 ? 9  G   B C8    1 
ATOM   568 N  N7    . G   B 2 9  ? -1.589  6.853   -4.829  1.00 29.74 ? 9  G   B N7    1 
ATOM   569 C  C5    . G   B 2 9  ? -0.916  7.510   -3.810  1.00 29.59 ? 9  G   B C5    1 
ATOM   570 C  C6    . G   B 2 9  ? -0.139  6.999   -2.732  1.00 30.43 ? 9  G   B C6    1 
ATOM   571 O  O6    . G   B 2 9  ? 0.114   5.813   -2.450  1.00 31.46 ? 9  G   B O6    1 
ATOM   572 N  N1    . G   B 2 9  ? 0.365   8.029   -1.937  1.00 30.66 ? 9  G   B N1    1 
ATOM   573 C  C2    . G   B 2 9  ? 0.137   9.375   -2.159  1.00 30.51 ? 9  G   B C2    1 
ATOM   574 N  N2    . G   B 2 9  ? 0.680   10.248  -1.303  1.00 30.69 ? 9  G   B N2    1 
ATOM   575 N  N3    . G   B 2 9  ? -0.582  9.856   -3.162  1.00 30.12 ? 9  G   B N3    1 
ATOM   576 C  C4    . G   B 2 9  ? -1.072  8.872   -3.945  1.00 29.12 ? 9  G   B C4    1 
ATOM   577 P  P     . G   B 2 10 ? 0.709   10.436  -9.216  1.00 28.67 ? 10 G   B P     1 
ATOM   578 O  OP1   . G   B 2 10 ? 1.131   11.239  -10.382 1.00 27.85 ? 10 G   B OP1   1 
ATOM   579 O  OP2   . G   B 2 10 ? 0.739   8.953   -9.316  1.00 27.86 ? 10 G   B OP2   1 
ATOM   580 O  "O5'" . G   B 2 10 ? 1.548   10.841  -7.912  1.00 28.60 ? 10 G   B "O5'" 1 
ATOM   581 C  "C5'" . G   B 2 10 ? 2.058   12.150  -7.744  1.00 28.90 ? 10 G   B "C5'" 1 
ATOM   582 C  "C4'" . G   B 2 10 ? 2.967   12.228  -6.529  1.00 29.34 ? 10 G   B "C4'" 1 
ATOM   583 O  "O4'" . G   B 2 10 ? 2.276   11.702  -5.374  1.00 29.35 ? 10 G   B "O4'" 1 
ATOM   584 C  "C3'" . G   B 2 10 ? 4.243   11.403  -6.534  1.00 29.69 ? 10 G   B "C3'" 1 
ATOM   585 O  "O3'" . G   B 2 10 ? 5.257   12.024  -7.271  1.00 31.20 ? 10 G   B "O3'" 1 
ATOM   586 C  "C2'" . G   B 2 10 ? 4.574   11.508  -5.064  1.00 29.37 ? 10 G   B "C2'" 1 
ATOM   587 O  "O2'" . G   B 2 10 ? 4.869   12.840  -4.718  1.00 30.38 ? 10 G   B "O2'" 1 
ATOM   588 C  "C1'" . G   B 2 10 ? 3.224   11.143  -4.488  1.00 29.06 ? 10 G   B "C1'" 1 
ATOM   589 N  N9    . G   B 2 10 ? 3.005   9.707   -4.392  1.00 28.53 ? 10 G   B N9    1 
ATOM   590 C  C8    . G   B 2 10 ? 2.154   8.956   -5.148  1.00 27.89 ? 10 G   B C8    1 
ATOM   591 N  N7    . G   B 2 10 ? 2.164   7.699   -4.824  1.00 28.80 ? 10 G   B N7    1 
ATOM   592 C  C5    . G   B 2 10 ? 3.075   7.609   -3.792  1.00 29.45 ? 10 G   B C5    1 
ATOM   593 C  C6    . G   B 2 10 ? 3.500   6.484   -3.052  1.00 30.85 ? 10 G   B C6    1 
ATOM   594 O  O6    . G   B 2 10 ? 3.135   5.304   -3.174  1.00 32.29 ? 10 G   B O6    1 
ATOM   595 N  N1    . G   B 2 10 ? 4.448   6.825   -2.093  1.00 30.52 ? 10 G   B N1    1 
ATOM   596 C  C2    . G   B 2 10 ? 4.912   8.096   -1.887  1.00 30.06 ? 10 G   B C2    1 
ATOM   597 N  N2    . G   B 2 10 ? 5.812   8.238   -0.912  1.00 30.73 ? 10 G   B N2    1 
ATOM   598 N  N3    . G   B 2 10 ? 4.522   9.156   -2.574  1.00 29.54 ? 10 G   B N3    1 
ATOM   599 C  C4    . G   B 2 10 ? 3.603   8.838   -3.511  1.00 28.97 ? 10 G   B C4    1 
ATOM   600 P  P     . A   B 2 11 ? 6.399   11.184  -8.025  1.00 32.68 ? 11 A   B P     1 
ATOM   601 O  OP1   . A   B 2 11 ? 7.302   12.175  -8.658  1.00 31.65 ? 11 A   B OP1   1 
ATOM   602 O  OP2   . A   B 2 11 ? 5.744   10.167  -8.876  1.00 31.70 ? 11 A   B OP2   1 
ATOM   603 O  "O5'" . A   B 2 11 ? 7.179   10.448  -6.827  1.00 32.73 ? 11 A   B "O5'" 1 
ATOM   604 C  "C5'" . A   B 2 11 ? 8.141   11.166  -6.067  1.00 32.98 ? 11 A   B "C5'" 1 
ATOM   605 C  "C4'" . A   B 2 11 ? 8.921   10.246  -5.161  1.00 33.71 ? 11 A   B "C4'" 1 
ATOM   606 O  "O4'" . A   B 2 11 ? 8.018   9.626   -4.219  1.00 34.38 ? 11 A   B "O4'" 1 
ATOM   607 C  "C3'" . A   B 2 11 ? 9.556   9.054   -5.838  1.00 34.50 ? 11 A   B "C3'" 1 
ATOM   608 O  "O3'" . A   B 2 11 ? 10.765  9.417   -6.463  1.00 35.41 ? 11 A   B "O3'" 1 
ATOM   609 C  "C2'" . A   B 2 11 ? 9.815   8.189   -4.622  1.00 34.83 ? 11 A   B "C2'" 1 
ATOM   610 O  "O2'" . A   B 2 11 ? 10.931  8.657   -3.898  1.00 35.48 ? 11 A   B "O2'" 1 
ATOM   611 C  "C1'" . A   B 2 11 ? 8.522   8.365   -3.840  1.00 34.87 ? 11 A   B "C1'" 1 
ATOM   612 N  N9    . A   B 2 11 ? 7.572   7.341   -4.236  1.00 35.71 ? 11 A   B N9    1 
ATOM   613 C  C8    . A   B 2 11 ? 6.509   7.485   -5.078  1.00 36.28 ? 11 A   B C8    1 
ATOM   614 N  N7    . A   B 2 11 ? 5.837   6.377   -5.273  1.00 37.00 ? 11 A   B N7    1 
ATOM   615 C  C5    . A   B 2 11 ? 6.506   5.433   -4.512  1.00 37.11 ? 11 A   B C5    1 
ATOM   616 C  C6    . A   B 2 11 ? 6.298   4.048   -4.285  1.00 37.18 ? 11 A   B C6    1 
ATOM   617 N  N6    . A   B 2 11 ? 5.310   3.335   -4.827  1.00 37.50 ? 11 A   B N6    1 
ATOM   618 N  N1    . A   B 2 11 ? 7.156   3.404   -3.471  1.00 37.06 ? 11 A   B N1    1 
ATOM   619 C  C2    . A   B 2 11 ? 8.153   4.113   -2.921  1.00 36.99 ? 11 A   B C2    1 
ATOM   620 N  N3    . A   B 2 11 ? 8.452   5.409   -3.055  1.00 36.25 ? 11 A   B N3    1 
ATOM   621 C  C4    . A   B 2 11 ? 7.584   6.019   -3.871  1.00 36.35 ? 11 A   B C4    1 
ATOM   622 P  P     . G   B 2 12 ? 11.277  8.585   -7.733  1.00 36.35 ? 12 G   B P     1 
ATOM   623 O  OP1   . G   B 2 12 ? 12.488  9.271   -8.221  1.00 36.14 ? 12 G   B OP1   1 
ATOM   624 O  OP2   . G   B 2 12 ? 10.145  8.393   -8.662  1.00 35.93 ? 12 G   B OP2   1 
ATOM   625 O  "O5'" . G   B 2 12 ? 11.655  7.143   -7.137  1.00 35.89 ? 12 G   B "O5'" 1 
ATOM   626 C  "C5'" . G   B 2 12 ? 12.743  6.966   -6.227  1.00 35.42 ? 12 G   B "C5'" 1 
ATOM   627 C  "C4'" . G   B 2 12 ? 12.734  5.548   -5.689  1.00 35.56 ? 12 G   B "C4'" 1 
ATOM   628 O  "O4'" . G   B 2 12 ? 11.488  5.280   -4.993  1.00 36.51 ? 12 G   B "O4'" 1 
ATOM   629 C  "C3'" . G   B 2 12 ? 12.742  4.459   -6.744  1.00 34.99 ? 12 G   B "C3'" 1 
ATOM   630 O  "O3'" . G   B 2 12 ? 14.031  4.229   -7.232  1.00 34.20 ? 12 G   B "O3'" 1 
ATOM   631 C  "C2'" . G   B 2 12 ? 12.206  3.267   -5.964  1.00 35.53 ? 12 G   B "C2'" 1 
ATOM   632 O  "O2'" . G   B 2 12 ? 13.147  2.700   -5.083  1.00 35.91 ? 12 G   B "O2'" 1 
ATOM   633 C  "C1'" . G   B 2 12 ? 11.076  3.931   -5.190  1.00 36.02 ? 12 G   B "C1'" 1 
ATOM   634 N  N9    . G   B 2 12 ? 9.850   3.877   -5.984  1.00 36.14 ? 12 G   B N9    1 
ATOM   635 C  C8    . G   B 2 12 ? 9.337   4.887   -6.757  1.00 36.19 ? 12 G   B C8    1 
ATOM   636 N  N7    . G   B 2 12 ? 8.245   4.550   -7.379  1.00 36.80 ? 12 G   B N7    1 
ATOM   637 C  C5    . G   B 2 12 ? 8.019   3.235   -7.005  1.00 36.29 ? 12 G   B C5    1 
ATOM   638 C  C6    . G   B 2 12 ? 6.969   2.357   -7.376  1.00 36.85 ? 12 G   B C6    1 
ATOM   639 O  O6    . G   B 2 12 ? 6.009   2.585   -8.134  1.00 38.26 ? 12 G   B O6    1 
ATOM   640 N  N1    . G   B 2 12 ? 7.105   1.109   -6.776  1.00 35.50 ? 12 G   B N1    1 
ATOM   641 C  C2    . G   B 2 12 ? 8.130   0.774   -5.937  1.00 34.54 ? 12 G   B C2    1 
ATOM   642 N  N2    . G   B 2 12 ? 8.094   -0.464  -5.465  1.00 34.04 ? 12 G   B N2    1 
ATOM   643 N  N3    . G   B 2 12 ? 9.116   1.580   -5.580  1.00 35.10 ? 12 G   B N3    1 
ATOM   644 C  C4    . G   B 2 12 ? 8.999   2.802   -6.149  1.00 35.76 ? 12 G   B C4    1 
ATOM   645 P  P     . C   B 2 13 ? 14.206  4.105   -8.815  1.00 34.08 ? 13 C   B P     1 
ATOM   646 O  OP1   . C   B 2 13 ? 15.582  4.545   -9.110  1.00 33.81 ? 13 C   B OP1   1 
ATOM   647 O  OP2   . C   B 2 13 ? 13.060  4.774   -9.472  1.00 34.50 ? 13 C   B OP2   1 
ATOM   648 O  "O5'" . C   B 2 13 ? 14.059  2.537   -9.127  1.00 33.34 ? 13 C   B "O5'" 1 
ATOM   649 C  "C5'" . C   B 2 13 ? 14.850  1.591   -8.416  1.00 31.42 ? 13 C   B "C5'" 1 
ATOM   650 C  "C4'" . C   B 2 13 ? 14.094  0.303   -8.167  1.00 30.22 ? 13 C   B "C4'" 1 
ATOM   651 O  "O4'" . C   B 2 13 ? 12.786  0.563   -7.607  1.00 30.16 ? 13 C   B "O4'" 1 
ATOM   652 C  "C3'" . C   B 2 13 ? 13.755  -0.478  -9.411  1.00 29.58 ? 13 C   B "C3'" 1 
ATOM   653 O  "O3'" . C   B 2 13 ? 14.882  -1.193  -9.792  1.00 30.09 ? 13 C   B "O3'" 1 
ATOM   654 C  "C2'" . C   B 2 13 ? 12.689  -1.412  -8.869  1.00 29.14 ? 13 C   B "C2'" 1 
ATOM   655 O  "O2'" . C   B 2 13 ? 13.227  -2.441  -8.077  1.00 28.49 ? 13 C   B "O2'" 1 
ATOM   656 C  "C1'" . C   B 2 13 ? 11.896  -0.466  -7.987  1.00 28.98 ? 13 C   B "C1'" 1 
ATOM   657 N  N1    . C   B 2 13 ? 10.717  0.105   -8.694  1.00 28.26 ? 13 C   B N1    1 
ATOM   658 C  C2    . C   B 2 13 ? 9.586   -0.704  -8.895  1.00 28.23 ? 13 C   B C2    1 
ATOM   659 O  O2    . C   B 2 13 ? 9.591   -1.863  -8.483  1.00 28.49 ? 13 C   B O2    1 
ATOM   660 N  N3    . C   B 2 13 ? 8.505   -0.204  -9.544  1.00 28.11 ? 13 C   B N3    1 
ATOM   661 C  C4    . C   B 2 13 ? 8.533   1.055   -9.982  1.00 28.32 ? 13 C   B C4    1 
ATOM   662 N  N4    . C   B 2 13 ? 7.447   1.506   -10.603 1.00 28.60 ? 13 C   B N4    1 
ATOM   663 C  C5    . C   B 2 13 ? 9.671   1.905   -9.795  1.00 28.62 ? 13 C   B C5    1 
ATOM   664 C  C6    . C   B 2 13 ? 10.734  1.394   -9.152  1.00 28.25 ? 13 C   B C6    1 
HETATM 665 P  P     . 5BU B 2 14 ? 14.987  -1.742  -11.281 1.00 30.54 ? 14 5BU B P     1 
HETATM 666 O  OP1   . 5BU B 2 14 ? 16.377  -2.226  -11.456 1.00 29.65 ? 14 5BU B OP1   1 
HETATM 667 O  OP2   . 5BU B 2 14 ? 14.435  -0.696  -12.185 1.00 30.12 ? 14 5BU B OP2   1 
HETATM 668 O  "O5'" . 5BU B 2 14 ? 13.958  -2.994  -11.268 1.00 29.62 ? 14 5BU B "O5'" 1 
HETATM 669 C  "C5'" . 5BU B 2 14 ? 14.354  -4.242  -10.708 1.00 28.27 ? 14 5BU B "C5'" 1 
HETATM 670 C  "C4'" . 5BU B 2 14 ? 13.289  -5.267  -10.980 1.00 27.96 ? 14 5BU B "C4'" 1 
HETATM 671 O  "O4'" . 5BU B 2 14 ? 12.075  -4.777  -10.438 1.00 28.80 ? 14 5BU B "O4'" 1 
HETATM 672 C  "C3'" . 5BU B 2 14 ? 12.921  -5.434  -12.447 1.00 27.75 ? 14 5BU B "C3'" 1 
HETATM 673 O  "O3'" . 5BU B 2 14 ? 13.853  -6.253  -13.131 1.00 26.44 ? 14 5BU B "O3'" 1 
HETATM 674 C  "C2'" . 5BU B 2 14 ? 11.551  -6.096  -12.341 1.00 28.35 ? 14 5BU B "C2'" 1 
HETATM 675 O  "O2'" . 5BU B 2 14 ? 11.570  -7.464  -11.973 1.00 28.48 ? 14 5BU B "O2'" 1 
HETATM 676 C  "C1'" . 5BU B 2 14 ? 10.971  -5.326  -11.178 1.00 29.23 ? 14 5BU B "C1'" 1 
HETATM 677 N  N1    . 5BU B 2 14 ? 10.136  -4.248  -11.694 1.00 30.39 ? 14 5BU B N1    1 
HETATM 678 C  C2    . 5BU B 2 14 ? 8.828   -4.508  -12.128 1.00 31.39 ? 14 5BU B C2    1 
HETATM 679 O  O2    . 5BU B 2 14 ? 8.291   -5.612  -12.097 1.00 32.69 ? 14 5BU B O2    1 
HETATM 680 N  N3    . 5BU B 2 14 ? 8.142   -3.402  -12.604 1.00 31.59 ? 14 5BU B N3    1 
HETATM 681 C  C4    . 5BU B 2 14 ? 8.630   -2.112  -12.685 1.00 32.20 ? 14 5BU B C4    1 
HETATM 682 O  O4    . 5BU B 2 14 ? 7.899   -1.234  -13.123 1.00 32.86 ? 14 5BU B O4    1 
HETATM 683 C  C5    . 5BU B 2 14 ? 9.934   -1.934  -12.247 1.00 32.54 ? 14 5BU B C5    1 
HETATM 684 C  C6    . 5BU B 2 14 ? 10.673  -2.984  -11.760 1.00 31.45 ? 14 5BU B C6    1 
HETATM 685 BR BR    . 5BU B 2 14 ? 10.757  -0.253  -12.284 0.75 35.64 ? 14 5BU B BR    1 
ATOM   686 P  P     . C   B 2 15 ? 14.114  -5.995  -14.691 1.00 25.98 ? 15 C   B P     1 
ATOM   687 O  OP1   . C   B 2 15 ? 15.180  -6.936  -15.078 1.00 25.46 ? 15 C   B OP1   1 
ATOM   688 O  OP2   . C   B 2 15 ? 14.291  -4.549  -14.954 1.00 25.73 ? 15 C   B OP2   1 
ATOM   689 O  "O5'" . C   B 2 15 ? 12.732  -6.412  -15.387 1.00 25.08 ? 15 C   B "O5'" 1 
ATOM   690 C  "C5'" . C   B 2 15 ? 12.398  -7.780  -15.613 1.00 22.49 ? 15 C   B "C5'" 1 
ATOM   691 C  "C4'" . C   B 2 15 ? 10.966  -7.885  -16.088 1.00 20.67 ? 15 C   B "C4'" 1 
ATOM   692 O  "O4'" . C   B 2 15 ? 10.092  -7.057  -15.276 1.00 21.05 ? 15 C   B "O4'" 1 
ATOM   693 C  "C3'" . C   B 2 15 ? 10.749  -7.317  -17.467 1.00 18.90 ? 15 C   B "C3'" 1 
ATOM   694 O  "O3'" . C   B 2 15 ? 11.148  -8.242  -18.430 1.00 16.26 ? 15 C   B "O3'" 1 
ATOM   695 C  "C2'" . C   B 2 15 ? 9.238   -7.145  -17.448 1.00 19.95 ? 15 C   B "C2'" 1 
ATOM   696 O  "O2'" . C   B 2 15 ? 8.541   -8.356  -17.621 1.00 20.42 ? 15 C   B "O2'" 1 
ATOM   697 C  "C1'" . C   B 2 15 ? 8.998   -6.598  -16.049 1.00 20.34 ? 15 C   B "C1'" 1 
ATOM   698 N  N1    . C   B 2 15 ? 8.948   -5.111  -16.100 1.00 20.96 ? 15 C   B N1    1 
ATOM   699 C  C2    . C   B 2 15 ? 7.842   -4.457  -16.672 1.00 21.46 ? 15 C   B C2    1 
ATOM   700 O  O2    . C   B 2 15 ? 6.899   -5.113  -17.116 1.00 22.31 ? 15 C   B O2    1 
ATOM   701 N  N3    . C   B 2 15 ? 7.820   -3.105  -16.729 1.00 21.50 ? 15 C   B N3    1 
ATOM   702 C  C4    . C   B 2 15 ? 8.851   -2.417  -16.243 1.00 22.32 ? 15 C   B C4    1 
ATOM   703 N  N4    . C   B 2 15 ? 8.801   -1.091  -16.321 1.00 23.41 ? 15 C   B N4    1 
ATOM   704 C  C5    . C   B 2 15 ? 9.989   -3.043  -15.655 1.00 22.33 ? 15 C   B C5    1 
ATOM   705 C  C6    . C   B 2 15 ? 9.995   -4.381  -15.610 1.00 22.00 ? 15 C   B C6    1 
ATOM   706 P  P     . C   B 2 16 ? 11.636  -7.669  -19.837 1.00 15.32 ? 16 C   B P     1 
ATOM   707 O  OP1   . C   B 2 16 ? 12.235  -8.749  -20.646 1.00 13.65 ? 16 C   B OP1   1 
ATOM   708 O  OP2   . C   B 2 16 ? 12.373  -6.426  -19.551 1.00 14.89 ? 16 C   B OP2   1 
ATOM   709 O  "O5'" . C   B 2 16 ? 10.274  -7.225  -20.530 1.00 15.64 ? 16 C   B "O5'" 1 
ATOM   710 C  "C5'" . C   B 2 16 ? 9.379   -8.182  -21.034 1.00 15.39 ? 16 C   B "C5'" 1 
ATOM   711 C  "C4'" . C   B 2 16 ? 8.158   -7.475  -21.574 1.00 15.12 ? 16 C   B "C4'" 1 
ATOM   712 O  "O4'" . C   B 2 16 ? 7.661   -6.559  -20.588 1.00 14.72 ? 16 C   B "O4'" 1 
ATOM   713 C  "C3'" . C   B 2 16 ? 8.420   -6.577  -22.761 1.00 15.41 ? 16 C   B "C3'" 1 
ATOM   714 O  "O3'" . C   B 2 16 ? 8.513   -7.369  -23.925 1.00 17.35 ? 16 C   B "O3'" 1 
ATOM   715 C  "C2'" . C   B 2 16 ? 7.158   -5.733  -22.752 1.00 15.64 ? 16 C   B "C2'" 1 
ATOM   716 O  "O2'" . C   B 2 16 ? 6.054   -6.338  -23.398 1.00 16.29 ? 16 C   B "O2'" 1 
ATOM   717 C  "C1'" . C   B 2 16 ? 6.898   -5.583  -21.256 1.00 15.63 ? 16 C   B "C1'" 1 
ATOM   718 N  N1    . C   B 2 16 ? 7.342   -4.254  -20.825 1.00 16.43 ? 16 C   B N1    1 
ATOM   719 C  C2    . C   B 2 16 ? 6.536   -3.153  -21.130 1.00 17.53 ? 16 C   B C2    1 
ATOM   720 O  O2    . C   B 2 16 ? 5.473   -3.336  -21.736 1.00 18.19 ? 16 C   B O2    1 
ATOM   721 N  N3    . C   B 2 16 ? 6.949   -1.913  -20.756 1.00 18.04 ? 16 C   B N3    1 
ATOM   722 C  C4    . C   B 2 16 ? 8.103   -1.768  -20.101 1.00 17.39 ? 16 C   B C4    1 
ATOM   723 N  N4    . C   B 2 16 ? 8.463   -0.536  -19.752 1.00 17.59 ? 16 C   B N4    1 
ATOM   724 C  C5    . C   B 2 16 ? 8.940   -2.877  -19.779 1.00 17.19 ? 16 C   B C5    1 
ATOM   725 C  C6    . C   B 2 16 ? 8.526   -4.091  -20.162 1.00 16.78 ? 16 C   B C6    1 
# 
